data_5JOP
#
_entry.id   5JOP
#
_cell.length_a   125.267
_cell.length_b   74.740
_cell.length_c   120.304
_cell.angle_alpha   90.00
_cell.angle_beta   100.55
_cell.angle_gamma   90.00
#
_symmetry.space_group_name_H-M   'C 1 2 1'
#
loop_
_entity.id
_entity.type
_entity.pdbx_description
1 polymer 'Fab 14.22 light chain'
2 polymer 'Fab14.22 heavy chain'
3 branched beta-D-galactopyranose-(1-4)-beta-D-glucopyranose-(1-6)-[beta-D-galactopyranose-(1-4)]2-acetamido-2-deoxy-beta-D-glucopyranose
4 non-polymer 'PHOSPHATE ION'
5 non-polymer GLYCEROL
6 water water
#
loop_
_entity_poly.entity_id
_entity_poly.type
_entity_poly.pdbx_seq_one_letter_code
_entity_poly.pdbx_strand_id
1 'polypeptide(L)'
;DVLLTQTPLSLPVNLGDQASISCRSSQTILHSDGYTYLEWYLQRPGQSPKLLIYRVYKRFSGIPDRFRGSGSGMDFTLTI
SGVEAEDLGIYYCFQGSYVPRTFGGGTKLEIKRADAAPTVSIFPPSSEQLTSGGASVVCFLNNFYPKDINVKWKIDGSER
QNGVLNSWTDQDSKDSTYSMSSTLTLTKDEYERHNSYTCEATHKTSTSPIVKSFNRNEC
;
D,L
2 'polypeptide(L)'
;EVQLQQSGPELIKPGASVKMSCEASGYIFTEYYIHWVKQIQGRSLEWIGYVHPKTGDVIYNQNFRGKATLTVNRSSNTAY
MELHSLTSEDSAVYYCARWDSWGQGTTLTVSSAKTTPPSVYPLAPGCGDTTGSSVTLGCLVKGYFPESVTVTWNSGSLSS
SVHTFPALLQSGLYTMSSSVTVPSSTWPSQTVTCSVAHPASSTTVDKKLEPSGPISTINPCPPCKECHKCPAPNLEGGPS
VFIFPPNIK
;
E,H
#
# COMPACT_ATOMS: atom_id res chain seq x y z
N ASP A 1 -9.23 16.45 9.82
CA ASP A 1 -8.48 16.88 8.65
C ASP A 1 -9.38 17.53 7.62
N VAL A 2 -8.78 18.32 6.72
CA VAL A 2 -9.56 19.00 5.70
C VAL A 2 -9.57 18.20 4.41
N LEU A 3 -10.76 17.96 3.88
CA LEU A 3 -10.90 17.21 2.63
C LEU A 3 -11.12 18.21 1.52
N LEU A 4 -10.29 18.12 0.47
CA LEU A 4 -10.50 18.84 -0.77
C LEU A 4 -11.06 17.88 -1.82
N THR A 5 -12.22 18.23 -2.37
CA THR A 5 -12.88 17.43 -3.42
C THR A 5 -12.86 18.19 -4.73
N GLN A 6 -12.34 17.56 -5.80
CA GLN A 6 -12.23 18.18 -7.09
C GLN A 6 -13.22 17.55 -8.07
N THR A 7 -13.80 18.38 -8.91
CA THR A 7 -14.67 17.91 -10.03
C THR A 7 -14.40 18.79 -11.23
N PRO A 8 -14.52 18.21 -12.43
CA PRO A 8 -14.77 16.79 -12.73
C PRO A 8 -13.50 15.97 -12.52
N LEU A 9 -13.55 14.63 -12.64
CA LEU A 9 -12.32 13.84 -12.56
C LEU A 9 -11.47 13.97 -13.85
N SER A 10 -12.15 14.03 -15.01
CA SER A 10 -11.53 14.19 -16.31
C SER A 10 -12.30 15.26 -17.05
N LEU A 11 -11.59 16.08 -17.82
CA LEU A 11 -12.20 17.19 -18.53
C LEU A 11 -11.65 17.25 -19.95
N PRO A 12 -12.32 16.64 -20.93
CA PRO A 12 -11.89 16.79 -22.33
C PRO A 12 -12.34 18.12 -22.93
N VAL A 13 -11.39 18.85 -23.54
N VAL A 13 -11.40 18.84 -23.55
CA VAL A 13 -11.63 20.17 -24.10
CA VAL A 13 -11.65 20.17 -24.10
C VAL A 13 -11.04 20.22 -25.50
C VAL A 13 -11.00 20.27 -25.47
N ASN A 14 -11.58 21.11 -26.33
CA ASN A 14 -10.91 21.41 -27.59
C ASN A 14 -9.84 22.45 -27.29
N LEU A 15 -8.70 22.36 -28.00
CA LEU A 15 -7.67 23.39 -27.84
C LEU A 15 -8.24 24.77 -28.14
N GLY A 16 -7.90 25.75 -27.28
CA GLY A 16 -8.41 27.09 -27.44
C GLY A 16 -9.71 27.34 -26.70
N ASP A 17 -10.37 26.30 -26.20
CA ASP A 17 -11.60 26.49 -25.44
C ASP A 17 -11.27 26.93 -24.01
N GLN A 18 -12.32 27.34 -23.30
CA GLN A 18 -12.18 27.63 -21.86
C GLN A 18 -12.47 26.37 -21.05
N ALA A 19 -11.64 26.08 -20.03
CA ALA A 19 -11.86 24.96 -19.16
C ALA A 19 -12.06 25.50 -17.74
N SER A 20 -12.93 24.87 -16.97
N SER A 20 -12.93 24.87 -16.96
CA SER A 20 -13.21 25.31 -15.60
CA SER A 20 -13.12 25.25 -15.56
C SER A 20 -13.30 24.10 -14.70
C SER A 20 -13.04 24.03 -14.66
N ILE A 21 -12.54 24.10 -13.59
N ILE A 21 -12.34 24.16 -13.53
CA ILE A 21 -12.55 22.97 -12.68
CA ILE A 21 -12.02 23.06 -12.64
C ILE A 21 -12.82 23.51 -11.27
C ILE A 21 -12.34 23.50 -11.23
N SER A 22 -13.46 22.68 -10.45
N SER A 22 -13.13 22.70 -10.52
CA SER A 22 -13.95 23.02 -9.11
CA SER A 22 -13.64 23.08 -9.20
C SER A 22 -13.14 22.32 -8.02
C SER A 22 -12.90 22.37 -8.09
N CYS A 23 -12.81 23.06 -6.95
CA CYS A 23 -12.25 22.49 -5.73
C CYS A 23 -13.09 22.99 -4.57
N ARG A 24 -13.68 22.05 -3.82
CA ARG A 24 -14.49 22.38 -2.65
C ARG A 24 -13.82 21.78 -1.41
N SER A 25 -13.76 22.55 -0.32
N SER A 25 -13.88 22.52 -0.30
CA SER A 25 -13.12 22.07 0.89
CA SER A 25 -13.17 22.11 0.89
C SER A 25 -14.18 21.77 1.95
C SER A 25 -14.15 21.87 2.03
N SER A 26 -13.82 20.92 2.90
CA SER A 26 -14.72 20.58 3.99
C SER A 26 -14.71 21.63 5.10
N GLN A 27 -13.73 22.53 5.10
CA GLN A 27 -13.63 23.59 6.10
C GLN A 27 -13.08 24.80 5.38
N THR A 28 -13.34 25.99 5.90
CA THR A 28 -12.85 27.20 5.22
C THR A 28 -11.33 27.17 5.15
N ILE A 29 -10.79 27.64 4.01
CA ILE A 29 -9.35 27.79 3.84
C ILE A 29 -8.88 29.18 4.28
N LEU A 30 -9.79 30.07 4.65
CA LEU A 30 -9.41 31.33 5.29
C LEU A 30 -8.64 31.08 6.59
N HIS A 31 -7.42 31.59 6.65
CA HIS A 31 -6.52 31.44 7.80
C HIS A 31 -6.79 32.58 8.80
N SER A 32 -6.41 32.35 10.06
CA SER A 32 -6.66 33.40 11.03
C SER A 32 -5.85 34.65 10.71
N ASP A 33 -4.75 34.52 9.96
CA ASP A 33 -4.00 35.71 9.55
C ASP A 33 -4.69 36.50 8.44
N GLY A 34 -5.89 36.07 8.01
CA GLY A 34 -6.67 36.77 6.99
C GLY A 34 -6.40 36.35 5.56
N TYR A 35 -5.39 35.54 5.32
CA TYR A 35 -5.10 35.07 3.98
C TYR A 35 -5.75 33.71 3.75
N THR A 36 -5.84 33.33 2.47
CA THR A 36 -6.43 32.04 2.10
C THR A 36 -5.41 31.26 1.28
N TYR A 37 -4.84 30.20 1.87
CA TYR A 37 -3.73 29.49 1.23
C TYR A 37 -4.25 28.33 0.41
N LEU A 38 -4.89 28.69 -0.71
CA LEU A 38 -5.43 27.73 -1.66
C LEU A 38 -4.58 27.84 -2.93
N GLU A 39 -3.99 26.71 -3.36
CA GLU A 39 -3.02 26.71 -4.44
C GLU A 39 -3.47 25.72 -5.52
N TRP A 40 -3.04 25.95 -6.74
CA TRP A 40 -3.26 25.02 -7.82
C TRP A 40 -1.92 24.60 -8.42
N TYR A 41 -1.80 23.30 -8.70
CA TYR A 41 -0.61 22.71 -9.28
C TYR A 41 -1.00 22.00 -10.58
N LEU A 42 -0.07 22.01 -11.53
CA LEU A 42 -0.17 21.19 -12.74
C LEU A 42 0.92 20.12 -12.76
N GLN A 43 0.54 18.88 -13.04
CA GLN A 43 1.49 17.79 -13.22
C GLN A 43 1.33 17.23 -14.63
N ARG A 44 2.31 17.51 -15.48
CA ARG A 44 2.35 16.88 -16.78
C ARG A 44 2.85 15.44 -16.69
N PRO A 45 2.55 14.61 -17.70
CA PRO A 45 2.98 13.20 -17.66
C PRO A 45 4.49 13.06 -17.51
N GLY A 46 4.91 12.23 -16.56
CA GLY A 46 6.33 12.07 -16.32
C GLY A 46 7.04 13.25 -15.70
N GLN A 47 6.31 14.28 -15.23
CA GLN A 47 6.92 15.42 -14.57
C GLN A 47 6.44 15.51 -13.13
N SER A 48 7.13 16.30 -12.32
CA SER A 48 6.67 16.64 -10.97
C SER A 48 5.55 17.69 -11.07
N PRO A 49 4.70 17.78 -10.04
CA PRO A 49 3.77 18.91 -9.97
C PRO A 49 4.51 20.23 -9.97
N LYS A 50 3.88 21.25 -10.59
CA LYS A 50 4.45 22.58 -10.71
C LYS A 50 3.43 23.59 -10.21
N LEU A 51 3.87 24.62 -9.47
CA LEU A 51 2.96 25.60 -8.90
C LEU A 51 2.47 26.57 -9.97
N LEU A 52 1.15 26.72 -10.06
CA LEU A 52 0.50 27.67 -10.96
C LEU A 52 -0.04 28.88 -10.23
N ILE A 53 -0.85 28.65 -9.21
CA ILE A 53 -1.50 29.74 -8.51
CA ILE A 53 -1.57 29.70 -8.50
C ILE A 53 -1.39 29.49 -7.01
N TYR A 54 -1.16 30.56 -6.27
CA TYR A 54 -1.14 30.51 -4.82
C TYR A 54 -2.04 31.63 -4.31
N ARG A 55 -2.43 31.55 -3.04
CA ARG A 55 -3.31 32.56 -2.44
C ARG A 55 -4.54 32.80 -3.33
N VAL A 56 -5.16 31.68 -3.77
CA VAL A 56 -6.41 31.64 -4.54
C VAL A 56 -6.26 32.13 -5.98
N TYR A 57 -5.63 33.28 -6.21
CA TYR A 57 -5.65 33.91 -7.55
C TYR A 57 -4.28 34.37 -8.03
N LYS A 58 -3.25 34.39 -7.18
CA LYS A 58 -1.98 35.00 -7.59
C LYS A 58 -1.19 34.04 -8.45
N ARG A 59 -0.80 34.51 -9.63
CA ARG A 59 -0.04 33.64 -10.52
C ARG A 59 1.42 33.61 -10.11
N PHE A 60 1.98 32.40 -10.06
CA PHE A 60 3.41 32.26 -9.82
C PHE A 60 4.19 32.79 -11.01
N SER A 61 5.44 33.20 -10.75
CA SER A 61 6.23 33.81 -11.81
C SER A 61 6.33 32.90 -13.03
N GLY A 62 6.15 33.49 -14.21
CA GLY A 62 6.18 32.75 -15.46
C GLY A 62 4.88 32.08 -15.87
N ILE A 63 3.83 32.14 -15.05
CA ILE A 63 2.57 31.47 -15.37
C ILE A 63 1.73 32.40 -16.22
N PRO A 64 1.29 31.97 -17.41
CA PRO A 64 0.56 32.87 -18.33
C PRO A 64 -0.77 33.32 -17.76
N ASP A 65 -1.23 34.47 -18.24
CA ASP A 65 -2.42 35.05 -17.64
C ASP A 65 -3.71 34.36 -18.09
N ARG A 66 -3.65 33.37 -18.99
CA ARG A 66 -4.84 32.58 -19.22
C ARG A 66 -5.23 31.71 -18.03
N PHE A 67 -4.37 31.55 -17.04
CA PHE A 67 -4.75 30.83 -15.84
C PHE A 67 -5.34 31.83 -14.85
N ARG A 68 -6.55 31.56 -14.37
CA ARG A 68 -7.21 32.45 -13.42
C ARG A 68 -7.83 31.62 -12.31
N GLY A 69 -7.41 31.89 -11.06
CA GLY A 69 -7.96 31.20 -9.92
C GLY A 69 -8.93 32.14 -9.24
N SER A 70 -9.99 31.57 -8.65
CA SER A 70 -10.96 32.41 -7.95
C SER A 70 -11.61 31.61 -6.86
N GLY A 71 -12.45 32.26 -6.06
CA GLY A 71 -13.16 31.59 -4.99
C GLY A 71 -12.82 32.16 -3.64
N SER A 72 -13.50 31.61 -2.63
CA SER A 72 -13.21 31.98 -1.24
C SER A 72 -13.83 30.95 -0.32
N GLY A 73 -13.36 30.92 0.93
CA GLY A 73 -14.03 30.08 1.91
C GLY A 73 -13.82 28.60 1.65
N MET A 74 -14.86 27.95 1.13
CA MET A 74 -14.82 26.52 0.83
C MET A 74 -14.97 26.21 -0.66
N ASP A 75 -15.09 27.22 -1.51
N ASP A 75 -15.02 27.22 -1.53
CA ASP A 75 -15.40 26.99 -2.92
CA ASP A 75 -15.38 26.97 -2.92
C ASP A 75 -14.34 27.71 -3.74
C ASP A 75 -14.47 27.73 -3.86
N PHE A 76 -13.73 26.99 -4.69
CA PHE A 76 -12.69 27.56 -5.54
C PHE A 76 -12.81 27.02 -6.96
N THR A 77 -12.27 27.80 -7.89
CA THR A 77 -12.32 27.47 -9.32
C THR A 77 -11.01 27.86 -9.96
N LEU A 78 -10.51 27.00 -10.84
CA LEU A 78 -9.43 27.37 -11.74
C LEU A 78 -10.01 27.42 -13.16
N THR A 79 -9.85 28.54 -13.83
CA THR A 79 -10.34 28.68 -15.20
C THR A 79 -9.13 28.88 -16.10
N ILE A 80 -9.06 28.09 -17.18
CA ILE A 80 -8.02 28.25 -18.18
C ILE A 80 -8.66 28.79 -19.45
N SER A 81 -8.29 30.02 -19.85
CA SER A 81 -8.95 30.75 -20.95
C SER A 81 -8.13 30.62 -22.24
N GLY A 82 -8.43 29.58 -23.01
CA GLY A 82 -7.69 29.31 -24.22
C GLY A 82 -6.69 28.19 -23.98
N VAL A 83 -7.15 26.95 -23.78
CA VAL A 83 -6.27 25.84 -23.42
C VAL A 83 -5.26 25.60 -24.55
N GLU A 84 -4.00 25.40 -24.16
CA GLU A 84 -2.95 25.06 -25.13
C GLU A 84 -2.36 23.69 -24.79
N ALA A 85 -1.68 23.09 -25.77
CA ALA A 85 -1.19 21.73 -25.58
C ALA A 85 -0.30 21.62 -24.32
N GLU A 86 0.46 22.65 -23.99
CA GLU A 86 1.33 22.57 -22.81
C GLU A 86 0.53 22.56 -21.51
N ASP A 87 -0.78 22.88 -21.56
CA ASP A 87 -1.64 22.90 -20.38
C ASP A 87 -2.18 21.51 -20.01
N LEU A 88 -2.05 20.54 -20.90
CA LEU A 88 -2.61 19.21 -20.64
C LEU A 88 -1.84 18.50 -19.51
N GLY A 89 -2.58 17.78 -18.67
CA GLY A 89 -2.00 17.12 -17.50
C GLY A 89 -3.04 17.01 -16.39
N ILE A 90 -2.58 16.81 -15.16
CA ILE A 90 -3.50 16.67 -14.03
C ILE A 90 -3.33 17.90 -13.14
N TYR A 91 -4.47 18.54 -12.81
CA TYR A 91 -4.53 19.73 -11.98
C TYR A 91 -4.91 19.31 -10.55
N TYR A 92 -4.17 19.80 -9.55
CA TYR A 92 -4.51 19.49 -8.16
C TYR A 92 -4.73 20.79 -7.43
N CYS A 93 -5.78 20.85 -6.60
CA CYS A 93 -5.79 21.93 -5.59
C CYS A 93 -5.08 21.43 -4.33
N PHE A 94 -4.71 22.36 -3.43
CA PHE A 94 -3.86 22.10 -2.27
C PHE A 94 -4.18 23.20 -1.27
N GLN A 95 -4.26 22.87 0.01
CA GLN A 95 -4.47 23.92 1.00
C GLN A 95 -3.28 23.92 1.94
N GLY A 96 -2.86 25.14 2.27
CA GLY A 96 -1.72 25.33 3.15
C GLY A 96 -2.09 26.02 4.45
N SER A 97 -3.38 26.02 4.81
CA SER A 97 -3.87 26.70 6.01
C SER A 97 -3.95 25.79 7.24
N TYR A 98 -3.89 24.46 7.06
CA TYR A 98 -4.02 23.52 8.15
C TYR A 98 -2.91 22.48 8.11
N VAL A 99 -2.70 21.85 9.27
CA VAL A 99 -1.91 20.63 9.37
C VAL A 99 -2.90 19.51 9.66
N PRO A 100 -2.88 18.45 8.85
CA PRO A 100 -1.93 18.25 7.75
C PRO A 100 -2.29 19.07 6.50
N ARG A 101 -1.29 19.32 5.66
CA ARG A 101 -1.57 19.77 4.31
C ARG A 101 -2.34 18.67 3.56
N THR A 102 -3.26 19.10 2.72
CA THR A 102 -4.02 18.14 1.93
C THR A 102 -4.20 18.65 0.50
N PHE A 103 -4.33 17.68 -0.42
CA PHE A 103 -4.52 17.92 -1.84
C PHE A 103 -5.87 17.39 -2.29
N GLY A 104 -6.46 17.98 -3.32
CA GLY A 104 -7.56 17.37 -4.06
C GLY A 104 -7.07 16.13 -4.82
N GLY A 105 -7.99 15.33 -5.31
CA GLY A 105 -7.58 14.08 -5.95
C GLY A 105 -7.21 14.21 -7.42
N GLY A 106 -7.25 15.42 -7.97
CA GLY A 106 -6.74 15.70 -9.31
C GLY A 106 -7.87 15.78 -10.33
N THR A 107 -7.76 16.69 -11.28
CA THR A 107 -8.61 16.71 -12.48
C THR A 107 -7.71 16.55 -13.68
N LYS A 108 -7.96 15.53 -14.49
CA LYS A 108 -7.16 15.31 -15.69
C LYS A 108 -7.72 16.10 -16.88
N LEU A 109 -6.95 17.07 -17.38
CA LEU A 109 -7.33 17.89 -18.53
C LEU A 109 -6.80 17.24 -19.79
N GLU A 110 -7.69 16.97 -20.73
CA GLU A 110 -7.38 16.16 -21.90
C GLU A 110 -8.02 16.80 -23.12
N ILE A 111 -7.78 16.21 -24.31
CA ILE A 111 -8.29 16.77 -25.55
C ILE A 111 -9.53 15.99 -25.95
N LYS A 112 -10.57 16.72 -26.32
CA LYS A 112 -11.74 16.16 -26.95
C LYS A 112 -11.47 16.05 -28.45
N ARG A 113 -11.77 14.91 -29.05
CA ARG A 113 -11.73 14.80 -30.52
C ARG A 113 -12.92 13.96 -30.97
N ALA A 114 -13.10 13.80 -32.29
CA ALA A 114 -14.18 12.96 -32.81
C ALA A 114 -13.95 11.48 -32.48
N ASP A 115 -15.06 10.75 -32.38
CA ASP A 115 -15.01 9.33 -32.05
C ASP A 115 -14.27 8.58 -33.15
N ALA A 116 -13.57 7.52 -32.76
CA ALA A 116 -12.85 6.70 -33.74
C ALA A 116 -12.83 5.27 -33.25
N ALA A 117 -13.17 4.34 -34.14
CA ALA A 117 -13.11 2.92 -33.83
C ALA A 117 -11.66 2.42 -33.72
N PRO A 118 -11.41 1.37 -32.93
CA PRO A 118 -10.03 0.86 -32.81
C PRO A 118 -9.61 0.13 -34.09
N THR A 119 -8.30 0.15 -34.36
CA THR A 119 -7.68 -0.72 -35.37
C THR A 119 -7.13 -1.91 -34.62
N VAL A 120 -7.63 -3.11 -34.89
CA VAL A 120 -7.40 -4.25 -34.00
C VAL A 120 -6.41 -5.21 -34.67
N SER A 121 -5.39 -5.64 -33.92
CA SER A 121 -4.40 -6.57 -34.43
C SER A 121 -4.25 -7.72 -33.44
N ILE A 122 -4.23 -8.98 -33.92
CA ILE A 122 -4.05 -10.14 -33.03
C ILE A 122 -2.74 -10.85 -33.38
N PHE A 123 -2.02 -11.33 -32.34
CA PHE A 123 -0.76 -12.06 -32.51
C PHE A 123 -0.81 -13.37 -31.74
N PRO A 124 -0.67 -14.52 -32.41
CA PRO A 124 -0.43 -15.80 -31.70
C PRO A 124 0.84 -15.73 -30.89
N PRO A 125 1.01 -16.61 -29.91
CA PRO A 125 2.30 -16.68 -29.20
C PRO A 125 3.42 -16.94 -30.18
N SER A 126 4.55 -16.27 -29.97
CA SER A 126 5.71 -16.52 -30.80
C SER A 126 6.24 -17.92 -30.56
N SER A 127 6.81 -18.54 -31.61
CA SER A 127 7.44 -19.84 -31.46
C SER A 127 8.50 -19.83 -30.36
N GLU A 128 9.22 -18.71 -30.24
CA GLU A 128 10.25 -18.56 -29.19
C GLU A 128 9.67 -18.77 -27.81
N GLN A 129 8.45 -18.29 -27.60
CA GLN A 129 7.89 -18.30 -26.24
C GLN A 129 7.47 -19.70 -25.84
N LEU A 130 6.89 -20.42 -26.79
CA LEU A 130 6.33 -21.72 -26.48
C LEU A 130 7.38 -22.64 -25.89
N THR A 131 8.64 -22.47 -26.28
CA THR A 131 9.71 -23.25 -25.65
C THR A 131 9.81 -22.95 -24.16
N SER A 132 9.45 -21.75 -23.74
CA SER A 132 9.45 -21.41 -22.31
C SER A 132 8.31 -22.04 -21.54
N GLY A 133 7.41 -22.81 -22.19
CA GLY A 133 6.26 -23.37 -21.52
C GLY A 133 5.14 -22.38 -21.24
N GLY A 134 5.25 -21.15 -21.72
CA GLY A 134 4.18 -20.20 -21.57
C GLY A 134 3.67 -19.77 -22.93
N ALA A 135 2.48 -19.19 -22.96
CA ALA A 135 1.88 -18.82 -24.22
C ALA A 135 1.07 -17.56 -23.98
N SER A 136 1.45 -16.46 -24.61
CA SER A 136 0.75 -15.20 -24.48
C SER A 136 0.15 -14.86 -25.84
N VAL A 137 -1.15 -14.61 -25.86
CA VAL A 137 -1.84 -14.16 -27.06
C VAL A 137 -2.09 -12.67 -26.90
N VAL A 138 -1.69 -11.88 -27.91
CA VAL A 138 -1.74 -10.42 -27.76
C VAL A 138 -2.71 -9.82 -28.76
N CYS A 139 -3.46 -8.82 -28.32
N CYS A 139 -3.58 -8.94 -28.31
CA CYS A 139 -4.41 -8.06 -29.12
CA CYS A 139 -4.30 -8.05 -29.22
C CYS A 139 -4.17 -6.56 -28.90
C CYS A 139 -3.93 -6.61 -28.89
N PHE A 140 -3.69 -5.84 -29.93
CA PHE A 140 -3.60 -4.38 -29.80
C PHE A 140 -4.87 -3.74 -30.32
N LEU A 141 -5.44 -2.83 -29.54
CA LEU A 141 -6.62 -2.04 -29.99
C LEU A 141 -6.12 -0.62 -30.13
N ASN A 142 -5.85 -0.19 -31.35
CA ASN A 142 -5.05 1.03 -31.53
C ASN A 142 -5.83 2.22 -32.08
N ASN A 143 -5.51 3.38 -31.51
CA ASN A 143 -5.92 4.69 -32.03
C ASN A 143 -7.44 4.83 -32.08
N PHE A 144 -8.04 4.76 -30.88
CA PHE A 144 -9.49 4.90 -30.82
C PHE A 144 -9.86 6.05 -29.90
N TYR A 145 -11.11 6.47 -29.96
CA TYR A 145 -11.56 7.56 -29.06
C TYR A 145 -13.09 7.40 -28.94
N PRO A 146 -13.68 7.55 -27.75
CA PRO A 146 -13.02 7.85 -26.45
C PRO A 146 -12.37 6.64 -25.81
N LYS A 147 -11.88 6.83 -24.57
CA LYS A 147 -10.92 5.90 -24.01
C LYS A 147 -11.58 4.61 -23.55
N ASP A 148 -12.88 4.67 -23.21
N ASP A 148 -12.86 4.65 -23.19
CA ASP A 148 -13.57 3.51 -22.69
CA ASP A 148 -13.47 3.47 -22.60
C ASP A 148 -13.66 2.45 -23.78
C ASP A 148 -13.72 2.45 -23.70
N ILE A 149 -13.29 1.21 -23.45
CA ILE A 149 -13.39 0.14 -24.45
C ILE A 149 -13.42 -1.16 -23.69
N ASN A 150 -14.08 -2.15 -24.28
N ASN A 150 -14.00 -2.19 -24.30
CA ASN A 150 -14.15 -3.51 -23.79
CA ASN A 150 -14.06 -3.47 -23.62
C ASN A 150 -13.36 -4.42 -24.72
C ASN A 150 -13.61 -4.58 -24.56
N VAL A 151 -12.74 -5.45 -24.14
N VAL A 151 -12.77 -5.48 -24.04
CA VAL A 151 -12.20 -6.57 -24.90
CA VAL A 151 -12.18 -6.57 -24.80
C VAL A 151 -12.70 -7.84 -24.25
C VAL A 151 -12.71 -7.86 -24.21
N LYS A 152 -13.18 -8.75 -25.08
CA LYS A 152 -13.61 -10.08 -24.68
C LYS A 152 -12.72 -11.08 -25.43
N TRP A 153 -12.10 -11.99 -24.68
CA TRP A 153 -11.38 -13.10 -25.29
C TRP A 153 -12.28 -14.34 -25.37
N LYS A 154 -12.18 -15.04 -26.49
CA LYS A 154 -12.84 -16.33 -26.57
C LYS A 154 -11.86 -17.38 -27.07
N ILE A 155 -12.02 -18.60 -26.57
CA ILE A 155 -11.22 -19.75 -27.00
C ILE A 155 -12.21 -20.75 -27.57
N ASP A 156 -12.09 -21.03 -28.84
CA ASP A 156 -13.09 -21.84 -29.53
C ASP A 156 -14.49 -21.38 -29.17
N GLY A 157 -14.73 -20.07 -29.28
CA GLY A 157 -16.05 -19.52 -29.13
C GLY A 157 -16.50 -19.31 -27.71
N SER A 158 -15.74 -19.78 -26.72
CA SER A 158 -16.15 -19.74 -25.34
C SER A 158 -15.40 -18.62 -24.63
N GLU A 159 -16.15 -17.73 -23.96
CA GLU A 159 -15.54 -16.55 -23.35
C GLU A 159 -14.53 -16.96 -22.28
N ARG A 160 -13.41 -16.24 -22.24
CA ARG A 160 -12.30 -16.52 -21.33
C ARG A 160 -11.98 -15.28 -20.51
N GLN A 161 -11.92 -15.33 -19.16
N GLN A 161 -12.34 -15.39 -19.25
CA GLN A 161 -11.76 -14.04 -18.43
CA GLN A 161 -11.84 -14.55 -18.25
C GLN A 161 -10.48 -13.85 -17.59
C GLN A 161 -10.79 -15.43 -17.61
N ASN A 162 -10.12 -14.78 -16.72
CA ASN A 162 -8.79 -14.91 -16.13
CA ASN A 162 -8.80 -14.20 -16.91
C ASN A 162 -7.61 -15.08 -17.12
N GLY A 163 -6.46 -14.60 -16.62
CA GLY A 163 -5.22 -14.67 -17.36
C GLY A 163 -5.07 -13.44 -18.25
N VAL A 164 -5.97 -12.48 -18.16
CA VAL A 164 -6.01 -11.33 -19.06
C VAL A 164 -5.39 -10.13 -18.36
N LEU A 165 -4.50 -9.44 -19.07
CA LEU A 165 -3.85 -8.21 -18.62
C LEU A 165 -4.22 -7.13 -19.61
N ASN A 166 -4.92 -6.09 -19.16
CA ASN A 166 -5.33 -5.01 -20.06
C ASN A 166 -4.61 -3.73 -19.66
N SER A 167 -3.98 -3.07 -20.62
CA SER A 167 -3.24 -1.84 -20.32
C SER A 167 -3.51 -0.76 -21.35
N TRP A 168 -3.84 0.46 -20.91
CA TRP A 168 -4.12 1.59 -21.79
C TRP A 168 -2.95 2.56 -21.83
N THR A 169 -2.75 3.16 -22.99
CA THR A 169 -1.84 4.29 -23.13
C THR A 169 -2.50 5.55 -22.59
N ASP A 170 -1.66 6.58 -22.37
CA ASP A 170 -2.16 7.94 -22.18
C ASP A 170 -2.55 8.53 -23.53
N GLN A 171 -3.26 9.64 -23.51
CA GLN A 171 -3.75 10.20 -24.75
C GLN A 171 -2.59 10.53 -25.70
N ASP A 172 -2.76 10.19 -26.99
CA ASP A 172 -1.69 10.37 -27.95
C ASP A 172 -1.45 11.85 -28.19
N SER A 173 -0.19 12.25 -28.29
CA SER A 173 0.09 13.66 -28.49
C SER A 173 -0.05 14.08 -29.95
N LYS A 174 -0.08 13.13 -30.88
CA LYS A 174 -0.26 13.53 -32.27
C LYS A 174 -1.73 13.57 -32.69
N ASP A 175 -2.55 12.57 -32.32
CA ASP A 175 -3.90 12.54 -32.84
C ASP A 175 -4.94 12.46 -31.75
N SER A 176 -4.53 12.52 -30.47
CA SER A 176 -5.42 12.57 -29.31
C SER A 176 -6.27 11.31 -29.13
N THR A 177 -5.88 10.18 -29.75
CA THR A 177 -6.53 8.91 -29.48
C THR A 177 -5.90 8.17 -28.30
N TYR A 178 -6.50 7.05 -27.97
CA TYR A 178 -5.98 6.12 -26.99
C TYR A 178 -5.71 4.81 -27.69
N SER A 179 -4.82 4.02 -27.11
CA SER A 179 -4.66 2.63 -27.54
C SER A 179 -4.64 1.74 -26.29
N MET A 180 -4.91 0.45 -26.48
CA MET A 180 -4.88 -0.47 -25.35
C MET A 180 -4.36 -1.82 -25.82
N SER A 181 -3.61 -2.49 -24.95
CA SER A 181 -3.08 -3.82 -25.23
C SER A 181 -3.76 -4.81 -24.28
N SER A 182 -4.26 -5.91 -24.83
CA SER A 182 -4.83 -6.99 -24.03
C SER A 182 -4.06 -8.27 -24.30
N THR A 183 -3.61 -8.93 -23.23
CA THR A 183 -2.83 -10.17 -23.35
C THR A 183 -3.54 -11.27 -22.57
N LEU A 184 -3.76 -12.41 -23.24
CA LEU A 184 -4.31 -13.63 -22.66
C LEU A 184 -3.12 -14.55 -22.39
N THR A 185 -2.88 -14.85 -21.10
CA THR A 185 -1.78 -15.73 -20.75
C THR A 185 -2.30 -17.11 -20.41
N LEU A 186 -1.70 -18.13 -21.04
CA LEU A 186 -1.99 -19.54 -20.84
C LEU A 186 -0.68 -20.29 -20.64
N THR A 187 -0.77 -21.49 -20.09
CA THR A 187 0.35 -22.42 -20.24
C THR A 187 0.45 -22.85 -21.69
N LYS A 188 1.63 -23.32 -22.07
CA LYS A 188 1.79 -23.91 -23.40
C LYS A 188 0.79 -25.06 -23.58
N ASP A 189 0.58 -25.86 -22.53
CA ASP A 189 -0.31 -27.00 -22.66
C ASP A 189 -1.76 -26.57 -22.88
N GLU A 190 -2.23 -25.58 -22.10
CA GLU A 190 -3.57 -25.04 -22.31
C GLU A 190 -3.72 -24.53 -23.73
N TYR A 191 -2.72 -23.76 -24.18
CA TYR A 191 -2.83 -23.13 -25.48
C TYR A 191 -2.98 -24.17 -26.56
N GLU A 192 -2.27 -25.29 -26.44
CA GLU A 192 -2.27 -26.32 -27.46
C GLU A 192 -3.47 -27.25 -27.40
N ARG A 193 -4.35 -27.10 -26.42
CA ARG A 193 -5.56 -27.92 -26.36
C ARG A 193 -6.74 -27.32 -27.13
N HIS A 194 -6.58 -26.16 -27.74
CA HIS A 194 -7.70 -25.50 -28.40
C HIS A 194 -7.32 -25.09 -29.80
N ASN A 195 -8.34 -24.71 -30.56
CA ASN A 195 -8.18 -24.44 -31.99
C ASN A 195 -8.07 -22.95 -32.30
N SER A 196 -9.06 -22.14 -31.93
CA SER A 196 -9.06 -20.75 -32.34
CA SER A 196 -9.09 -20.74 -32.33
C SER A 196 -9.02 -19.83 -31.12
N TYR A 197 -8.48 -18.64 -31.33
CA TYR A 197 -8.42 -17.62 -30.29
C TYR A 197 -8.93 -16.34 -30.92
N THR A 198 -9.79 -15.63 -30.18
CA THR A 198 -10.50 -14.46 -30.68
C THR A 198 -10.45 -13.34 -29.69
N CYS A 199 -10.17 -12.17 -30.22
N CYS A 199 -10.11 -12.13 -30.13
CA CYS A 199 -10.24 -10.89 -29.54
CA CYS A 199 -10.32 -10.98 -29.28
C CYS A 199 -11.48 -10.17 -30.06
C CYS A 199 -11.38 -10.10 -29.94
N GLU A 200 -12.40 -9.77 -29.17
CA GLU A 200 -13.55 -8.97 -29.57
C GLU A 200 -13.48 -7.61 -28.91
N ALA A 201 -13.39 -6.55 -29.70
CA ALA A 201 -13.32 -5.19 -29.17
C ALA A 201 -14.69 -4.53 -29.26
N THR A 202 -15.27 -4.12 -28.13
CA THR A 202 -16.54 -3.41 -28.16
C THR A 202 -16.32 -1.97 -27.72
N HIS A 203 -16.79 -1.03 -28.54
CA HIS A 203 -16.48 0.39 -28.37
C HIS A 203 -17.76 1.16 -28.75
N LYS A 204 -17.92 2.37 -28.22
CA LYS A 204 -19.17 3.09 -28.50
C LYS A 204 -19.36 3.42 -29.99
N THR A 205 -18.32 3.30 -30.81
CA THR A 205 -18.46 3.61 -32.23
C THR A 205 -19.27 2.59 -33.01
N SER A 206 -19.60 1.45 -32.42
CA SER A 206 -20.47 0.46 -33.07
C SER A 206 -21.17 -0.39 -32.01
N THR A 207 -22.42 -0.79 -32.29
CA THR A 207 -23.11 -1.75 -31.44
C THR A 207 -22.65 -3.18 -31.66
N SER A 208 -21.81 -3.44 -32.69
N SER A 208 -21.80 -3.44 -32.68
CA SER A 208 -21.19 -4.74 -32.89
CA SER A 208 -21.21 -4.75 -32.86
C SER A 208 -19.69 -4.68 -32.61
C SER A 208 -19.69 -4.70 -32.64
N PRO A 209 -19.11 -5.74 -32.08
CA PRO A 209 -17.67 -5.73 -31.83
C PRO A 209 -16.87 -5.84 -33.12
N ILE A 210 -15.62 -5.37 -33.06
CA ILE A 210 -14.64 -5.72 -34.09
C ILE A 210 -13.96 -7.00 -33.62
N VAL A 211 -13.99 -8.03 -34.46
CA VAL A 211 -13.58 -9.38 -34.10
C VAL A 211 -12.32 -9.74 -34.88
N LYS A 212 -11.24 -10.10 -34.18
CA LYS A 212 -10.02 -10.63 -34.79
C LYS A 212 -9.77 -12.01 -34.22
N SER A 213 -9.44 -12.97 -35.09
N SER A 213 -9.46 -12.96 -35.10
N SER A 213 -9.43 -12.94 -35.09
CA SER A 213 -9.33 -14.35 -34.64
CA SER A 213 -9.27 -14.33 -34.70
CA SER A 213 -9.27 -14.32 -34.68
C SER A 213 -8.39 -15.14 -35.53
C SER A 213 -8.11 -14.93 -35.47
C SER A 213 -8.14 -14.96 -35.48
N PHE A 214 -7.60 -16.04 -34.93
CA PHE A 214 -6.73 -16.92 -35.69
C PHE A 214 -7.02 -18.33 -35.22
N ASN A 215 -6.70 -19.28 -36.08
CA ASN A 215 -6.88 -20.70 -35.80
C ASN A 215 -5.49 -21.34 -35.70
N ARG A 216 -5.20 -21.97 -34.56
CA ARG A 216 -3.84 -22.43 -34.30
C ARG A 216 -3.46 -23.55 -35.24
N ASN A 217 -4.45 -24.21 -35.87
CA ASN A 217 -4.26 -25.22 -36.90
C ASN A 217 -3.98 -24.62 -38.28
N GLU A 218 -3.49 -23.38 -38.35
CA GLU A 218 -3.13 -22.77 -39.63
C GLU A 218 -1.64 -22.38 -39.66
N GLU B 1 17.38 28.00 -11.53
CA GLU B 1 17.95 28.69 -10.36
C GLU B 1 17.69 27.85 -9.11
N VAL B 2 16.50 27.97 -8.53
CA VAL B 2 16.15 27.09 -7.42
CA VAL B 2 16.13 27.09 -7.42
C VAL B 2 16.01 25.66 -7.94
N GLN B 3 16.67 24.73 -7.26
CA GLN B 3 16.57 23.34 -7.66
C GLN B 3 16.56 22.45 -6.43
N LEU B 4 15.72 21.43 -6.48
CA LEU B 4 15.66 20.36 -5.50
C LEU B 4 16.01 19.07 -6.22
N GLN B 5 17.11 18.43 -5.84
CA GLN B 5 17.60 17.27 -6.60
C GLN B 5 17.58 16.06 -5.69
N GLN B 6 16.77 15.07 -6.05
CA GLN B 6 16.56 13.90 -5.21
C GLN B 6 17.42 12.72 -5.65
N SER B 7 17.62 11.79 -4.71
CA SER B 7 18.40 10.57 -4.88
C SER B 7 17.63 9.55 -5.75
N GLY B 8 18.32 8.48 -6.21
CA GLY B 8 17.76 7.67 -7.29
C GLY B 8 16.74 6.64 -6.81
N PRO B 9 16.24 5.83 -7.74
CA PRO B 9 15.23 4.83 -7.40
C PRO B 9 15.77 3.79 -6.46
N GLU B 10 14.87 3.27 -5.61
CA GLU B 10 15.24 2.33 -4.56
C GLU B 10 14.36 1.11 -4.68
N LEU B 11 14.98 -0.06 -4.54
CA LEU B 11 14.30 -1.35 -4.39
C LEU B 11 14.71 -1.93 -3.04
N ILE B 12 13.74 -2.06 -2.13
CA ILE B 12 14.01 -2.41 -0.72
C ILE B 12 13.13 -3.58 -0.29
N LYS B 13 13.71 -4.51 0.48
CA LYS B 13 12.99 -5.66 0.99
C LYS B 13 11.94 -5.23 2.03
N PRO B 14 10.79 -5.91 2.08
CA PRO B 14 9.82 -5.62 3.16
C PRO B 14 10.48 -5.81 4.50
N GLY B 15 10.18 -4.91 5.43
CA GLY B 15 10.75 -4.95 6.76
C GLY B 15 11.96 -4.06 6.94
N ALA B 16 12.64 -3.70 5.85
CA ALA B 16 13.85 -2.89 5.98
C ALA B 16 13.45 -1.42 6.03
N SER B 17 14.44 -0.55 6.04
CA SER B 17 14.19 0.87 5.96
C SER B 17 15.01 1.43 4.79
N VAL B 18 14.70 2.67 4.42
CA VAL B 18 15.39 3.36 3.33
C VAL B 18 15.49 4.82 3.72
N LYS B 19 16.60 5.47 3.35
CA LYS B 19 16.80 6.90 3.58
C LYS B 19 17.10 7.56 2.23
N MET B 20 16.28 8.52 1.85
CA MET B 20 16.40 9.17 0.54
C MET B 20 16.71 10.63 0.78
N SER B 21 17.29 11.28 -0.21
CA SER B 21 17.82 12.62 -0.02
C SER B 21 17.23 13.60 -1.02
N CYS B 22 17.41 14.89 -0.69
CA CYS B 22 16.84 16.01 -1.44
C CYS B 22 17.84 17.17 -1.34
N GLU B 23 18.63 17.40 -2.39
CA GLU B 23 19.69 18.43 -2.28
C GLU B 23 19.20 19.77 -2.85
N ALA B 24 19.35 20.83 -2.06
CA ALA B 24 18.84 22.15 -2.41
C ALA B 24 19.97 23.00 -2.93
N SER B 25 19.73 23.67 -4.06
CA SER B 25 20.69 24.65 -4.57
C SER B 25 19.94 25.87 -5.09
N GLY B 26 20.66 26.98 -5.17
CA GLY B 26 20.12 28.17 -5.76
C GLY B 26 19.34 29.07 -4.84
N TYR B 27 19.35 28.82 -3.54
CA TYR B 27 18.70 29.69 -2.57
C TYR B 27 19.30 29.37 -1.20
N ILE B 28 18.86 30.12 -0.18
CA ILE B 28 19.36 29.92 1.19
C ILE B 28 18.57 28.76 1.81
N PHE B 29 19.21 27.61 1.89
CA PHE B 29 18.56 26.39 2.37
C PHE B 29 17.82 26.61 3.70
N THR B 30 18.39 27.39 4.61
CA THR B 30 17.79 27.51 5.93
C THR B 30 16.61 28.46 5.98
N GLU B 31 16.21 29.06 4.86
CA GLU B 31 15.14 30.02 4.91
C GLU B 31 13.77 29.43 4.57
N TYR B 32 13.71 28.21 4.01
CA TYR B 32 12.46 27.66 3.48
C TYR B 32 12.14 26.30 4.07
N TYR B 33 10.87 26.10 4.46
CA TYR B 33 10.40 24.75 4.77
C TYR B 33 10.64 23.79 3.61
N ILE B 34 11.08 22.56 3.92
CA ILE B 34 11.06 21.46 2.94
C ILE B 34 9.93 20.52 3.32
N HIS B 35 9.02 20.29 2.38
CA HIS B 35 7.95 19.33 2.51
C HIS B 35 8.27 18.03 1.78
N TRP B 36 7.66 16.93 2.23
CA TRP B 36 7.71 15.63 1.60
C TRP B 36 6.30 15.14 1.33
N VAL B 37 6.10 14.49 0.20
CA VAL B 37 4.78 14.16 -0.32
C VAL B 37 4.88 12.79 -1.00
N LYS B 38 3.89 11.92 -0.74
CA LYS B 38 3.81 10.60 -1.34
C LYS B 38 2.80 10.61 -2.48
N GLN B 39 3.18 10.07 -3.65
CA GLN B 39 2.20 9.98 -4.74
C GLN B 39 2.07 8.53 -5.18
N ILE B 40 0.84 8.01 -5.26
CA ILE B 40 0.61 6.66 -5.76
C ILE B 40 -0.14 6.71 -7.09
N GLN B 41 0.21 5.78 -7.97
CA GLN B 41 -0.45 5.66 -9.30
C GLN B 41 -0.33 6.94 -10.10
N GLY B 42 0.70 7.74 -9.82
CA GLY B 42 0.84 9.00 -10.56
C GLY B 42 -0.33 9.95 -10.37
N ARG B 43 -1.11 9.77 -9.30
CA ARG B 43 -2.31 10.57 -9.11
C ARG B 43 -2.42 11.01 -7.63
N SER B 44 -2.86 10.13 -6.75
CA SER B 44 -3.23 10.58 -5.40
C SER B 44 -2.02 11.02 -4.61
N LEU B 45 -2.05 12.26 -4.07
CA LEU B 45 -0.97 12.86 -3.30
C LEU B 45 -1.33 12.90 -1.82
N GLU B 46 -0.37 12.53 -0.97
CA GLU B 46 -0.56 12.54 0.49
C GLU B 46 0.66 13.18 1.10
N TRP B 47 0.43 14.22 1.91
CA TRP B 47 1.51 15.01 2.48
C TRP B 47 2.05 14.30 3.72
N ILE B 48 3.38 14.21 3.82
CA ILE B 48 4.01 13.44 4.90
C ILE B 48 4.35 14.35 6.08
N GLY B 49 4.85 15.54 5.80
CA GLY B 49 5.28 16.44 6.85
C GLY B 49 6.24 17.45 6.27
N TYR B 50 6.73 18.35 7.14
CA TYR B 50 7.69 19.33 6.68
C TYR B 50 8.66 19.70 7.81
N VAL B 51 9.85 20.10 7.41
CA VAL B 51 10.91 20.44 8.34
C VAL B 51 11.40 21.85 8.05
N HIS B 52 11.74 22.59 9.11
CA HIS B 52 12.40 23.87 8.96
C HIS B 52 13.91 23.62 9.02
N PRO B 53 14.64 23.79 7.93
CA PRO B 53 16.06 23.37 7.95
C PRO B 53 16.94 24.22 8.86
N LYS B 54 16.55 25.46 9.16
CA LYS B 54 17.36 26.26 10.08
C LYS B 54 17.43 25.59 11.45
N THR B 55 16.32 25.02 11.90
CA THR B 55 16.22 24.47 13.23
CA THR B 55 16.21 24.47 13.24
C THR B 55 16.12 22.95 13.28
N GLY B 56 15.74 22.30 12.20
CA GLY B 56 15.47 20.88 12.26
C GLY B 56 14.10 20.51 12.82
N ASP B 57 13.27 21.49 13.23
CA ASP B 57 11.96 21.20 13.81
C ASP B 57 11.05 20.62 12.73
N VAL B 58 10.35 19.53 13.06
CA VAL B 58 9.51 18.82 12.11
C VAL B 58 8.06 18.86 12.58
N ILE B 59 7.14 18.93 11.62
CA ILE B 59 5.71 18.72 11.86
C ILE B 59 5.27 17.60 10.93
N TYR B 60 4.69 16.53 11.48
CA TYR B 60 4.27 15.39 10.66
C TYR B 60 2.78 15.35 10.46
N ASN B 61 2.36 14.82 9.31
CA ASN B 61 1.04 14.21 9.24
C ASN B 61 1.02 13.07 10.25
N GLN B 62 -0.01 13.04 11.11
CA GLN B 62 -0.17 11.91 12.01
C GLN B 62 -0.18 10.58 11.27
N ASN B 63 -0.62 10.58 10.00
CA ASN B 63 -0.62 9.32 9.25
C ASN B 63 0.77 8.74 9.06
N PHE B 64 1.83 9.54 9.22
CA PHE B 64 3.19 9.08 9.01
C PHE B 64 4.00 9.03 10.30
N ARG B 65 3.37 9.21 11.47
CA ARG B 65 4.14 9.04 12.71
C ARG B 65 4.71 7.64 12.83
N GLY B 66 6.01 7.54 13.08
CA GLY B 66 6.62 6.24 13.14
C GLY B 66 7.03 5.65 11.81
N LYS B 67 6.39 6.07 10.71
CA LYS B 67 6.75 5.59 9.38
C LYS B 67 7.86 6.42 8.76
N ALA B 68 7.82 7.74 8.94
CA ALA B 68 8.74 8.67 8.32
C ALA B 68 9.52 9.46 9.37
N THR B 69 10.79 9.73 9.09
CA THR B 69 11.61 10.61 9.91
C THR B 69 12.26 11.63 8.98
N LEU B 70 12.04 12.91 9.26
CA LEU B 70 12.60 14.01 8.47
C LEU B 70 13.78 14.64 9.20
N THR B 71 14.89 14.82 8.48
CA THR B 71 16.10 15.43 9.02
C THR B 71 16.74 16.31 7.94
N VAL B 72 17.66 17.17 8.37
CA VAL B 72 18.43 17.98 7.45
C VAL B 72 19.91 17.91 7.80
N ASN B 73 20.75 18.17 6.81
CA ASN B 73 22.17 18.47 7.02
C ASN B 73 22.40 19.88 6.48
N ARG B 74 22.48 20.85 7.37
CA ARG B 74 22.64 22.24 6.92
C ARG B 74 23.95 22.43 6.17
N SER B 75 25.03 21.76 6.57
CA SER B 75 26.31 22.01 5.92
C SER B 75 26.30 21.54 4.48
N SER B 76 25.48 20.55 4.14
CA SER B 76 25.46 20.06 2.78
C SER B 76 24.23 20.53 1.99
N ASN B 77 23.38 21.37 2.58
CA ASN B 77 22.10 21.80 1.96
C ASN B 77 21.23 20.61 1.53
N THR B 78 21.11 19.59 2.39
CA THR B 78 20.36 18.40 2.06
C THR B 78 19.30 18.11 3.12
N ALA B 79 18.10 17.80 2.66
CA ALA B 79 17.04 17.22 3.46
C ALA B 79 16.96 15.71 3.23
N TYR B 80 16.58 14.98 4.26
CA TYR B 80 16.51 13.53 4.15
C TYR B 80 15.18 13.06 4.70
N MET B 81 14.64 11.98 4.12
CA MET B 81 13.50 11.30 4.69
C MET B 81 13.84 9.82 4.81
N GLU B 82 13.72 9.29 6.01
CA GLU B 82 13.85 7.86 6.28
C GLU B 82 12.47 7.25 6.46
N LEU B 83 12.18 6.17 5.75
CA LEU B 83 10.97 5.39 5.95
C LEU B 83 11.33 4.07 6.63
N HIS B 84 10.62 3.76 7.71
CA HIS B 84 10.89 2.60 8.53
C HIS B 84 9.92 1.47 8.24
N SER B 85 10.37 0.25 8.53
CA SER B 85 9.52 -0.93 8.57
C SER B 85 8.67 -1.07 7.30
N LEU B 86 9.35 -1.12 6.17
CA LEU B 86 8.67 -0.91 4.90
C LEU B 86 7.70 -2.06 4.58
N THR B 87 6.60 -1.73 3.90
CA THR B 87 5.68 -2.73 3.35
C THR B 87 5.35 -2.35 1.91
N SER B 88 4.65 -3.22 1.20
CA SER B 88 4.33 -2.87 -0.17
C SER B 88 3.41 -1.65 -0.26
N GLU B 89 2.64 -1.36 0.79
CA GLU B 89 1.89 -0.10 0.80
C GLU B 89 2.79 1.12 0.73
N ASP B 90 4.08 1.00 1.09
CA ASP B 90 5.00 2.13 0.97
C ASP B 90 5.58 2.31 -0.43
N SER B 91 5.35 1.37 -1.36
CA SER B 91 5.81 1.63 -2.73
C SER B 91 5.06 2.84 -3.30
N ALA B 92 5.80 3.80 -3.86
CA ALA B 92 5.21 5.04 -4.30
C ALA B 92 6.31 5.90 -4.90
N VAL B 93 5.98 7.08 -5.41
CA VAL B 93 6.98 8.09 -5.74
C VAL B 93 6.95 9.12 -4.62
N TYR B 94 8.12 9.48 -4.11
CA TYR B 94 8.22 10.47 -3.05
C TYR B 94 8.88 11.73 -3.56
N TYR B 95 8.23 12.87 -3.30
CA TYR B 95 8.72 14.18 -3.67
C TYR B 95 9.12 14.95 -2.42
N CYS B 96 10.18 15.74 -2.55
CA CYS B 96 10.44 16.84 -1.63
C CYS B 96 10.06 18.13 -2.35
N ALA B 97 9.75 19.17 -1.57
CA ALA B 97 9.23 20.39 -2.19
C ALA B 97 9.44 21.57 -1.26
N ARG B 98 9.80 22.72 -1.82
CA ARG B 98 9.59 23.94 -1.06
C ARG B 98 8.30 24.55 -1.57
N TRP B 99 7.95 25.74 -1.07
CA TRP B 99 6.58 26.21 -1.28
C TRP B 99 6.22 26.36 -2.75
N ASP B 100 7.23 26.56 -3.61
CA ASP B 100 7.06 26.88 -5.02
C ASP B 100 7.83 25.99 -5.98
N SER B 101 8.50 24.94 -5.50
CA SER B 101 9.34 24.14 -6.40
C SER B 101 9.46 22.72 -5.87
N TRP B 102 9.25 21.72 -6.72
CA TRP B 102 9.37 20.33 -6.28
C TRP B 102 10.61 19.66 -6.87
N GLY B 103 11.18 18.72 -6.13
CA GLY B 103 12.19 17.84 -6.70
C GLY B 103 11.59 16.93 -7.77
N GLN B 104 12.47 16.15 -8.41
CA GLN B 104 12.01 15.31 -9.51
C GLN B 104 11.38 14.02 -9.04
N GLY B 105 11.43 13.70 -7.74
CA GLY B 105 10.76 12.47 -7.27
C GLY B 105 11.70 11.29 -7.11
N THR B 106 11.49 10.45 -6.09
CA THR B 106 12.25 9.21 -5.91
C THR B 106 11.27 8.06 -5.93
N THR B 107 11.48 7.10 -6.83
CA THR B 107 10.58 5.95 -6.89
C THR B 107 11.06 4.85 -5.95
N LEU B 108 10.17 4.39 -5.08
CA LEU B 108 10.48 3.33 -4.13
C LEU B 108 9.63 2.11 -4.47
N THR B 109 10.28 0.96 -4.64
CA THR B 109 9.61 -0.32 -4.79
C THR B 109 9.94 -1.14 -3.56
N VAL B 110 8.92 -1.63 -2.84
CA VAL B 110 9.14 -2.51 -1.69
C VAL B 110 8.70 -3.91 -2.07
N SER B 111 9.65 -4.82 -2.13
CA SER B 111 9.36 -6.14 -2.62
C SER B 111 10.56 -7.01 -2.31
N SER B 112 10.30 -8.31 -2.19
CA SER B 112 11.40 -9.26 -2.05
C SER B 112 11.78 -9.88 -3.38
N ALA B 113 11.08 -9.55 -4.46
CA ALA B 113 11.46 -10.06 -5.76
C ALA B 113 12.85 -9.54 -6.12
N LYS B 114 13.63 -10.38 -6.79
CA LYS B 114 14.97 -10.00 -7.17
C LYS B 114 14.98 -9.33 -8.54
N THR B 115 15.96 -8.45 -8.73
CA THR B 115 16.15 -7.85 -10.05
C THR B 115 16.33 -8.91 -11.14
N THR B 116 15.45 -8.90 -12.12
CA THR B 116 15.37 -9.89 -13.20
C THR B 116 15.19 -9.21 -14.55
N PRO B 117 15.94 -9.63 -15.58
CA PRO B 117 15.81 -8.99 -16.87
C PRO B 117 14.57 -9.52 -17.58
N PRO B 118 14.07 -8.82 -18.57
CA PRO B 118 12.88 -9.30 -19.28
C PRO B 118 13.20 -10.44 -20.24
N SER B 119 12.21 -11.32 -20.43
CA SER B 119 12.10 -12.06 -21.69
C SER B 119 11.41 -11.18 -22.74
N VAL B 120 11.89 -11.22 -23.99
CA VAL B 120 11.32 -10.36 -25.02
C VAL B 120 10.85 -11.25 -26.15
N TYR B 121 9.59 -11.07 -26.54
CA TYR B 121 9.05 -11.91 -27.62
C TYR B 121 8.57 -11.04 -28.78
N PRO B 122 8.89 -11.40 -30.01
CA PRO B 122 8.46 -10.58 -31.13
C PRO B 122 6.98 -10.80 -31.42
N LEU B 123 6.31 -9.72 -31.83
CA LEU B 123 4.91 -9.79 -32.28
C LEU B 123 4.88 -9.40 -33.75
N ALA B 124 4.79 -10.39 -34.65
CA ALA B 124 4.80 -10.04 -36.06
C ALA B 124 3.73 -10.85 -36.76
N PRO B 125 3.13 -10.31 -37.83
CA PRO B 125 2.14 -11.10 -38.57
C PRO B 125 2.86 -12.19 -39.37
N GLY B 126 2.13 -13.25 -39.66
CA GLY B 126 2.70 -14.34 -40.44
C GLY B 126 1.91 -14.77 -41.66
CA THR B 130 -0.52 -9.53 -44.60
C THR B 130 -1.11 -8.72 -45.76
N THR B 131 -2.05 -7.83 -45.45
CA THR B 131 -2.65 -7.02 -46.51
C THR B 131 -2.72 -5.55 -46.12
N GLY B 132 -2.71 -4.70 -47.14
CA GLY B 132 -2.88 -3.28 -46.91
C GLY B 132 -1.56 -2.56 -46.82
N SER B 133 -1.66 -1.25 -46.65
CA SER B 133 -0.50 -0.42 -46.84
C SER B 133 0.23 -0.14 -45.53
N SER B 134 -0.33 -0.53 -44.38
CA SER B 134 0.35 -0.46 -43.08
C SER B 134 0.50 -1.82 -42.42
N VAL B 135 1.40 -1.91 -41.46
CA VAL B 135 1.60 -3.14 -40.72
C VAL B 135 1.94 -2.80 -39.27
N THR B 136 1.30 -3.47 -38.34
CA THR B 136 1.59 -3.26 -36.91
C THR B 136 2.42 -4.41 -36.40
N LEU B 137 3.50 -4.08 -35.70
CA LEU B 137 4.43 -5.00 -35.11
C LEU B 137 4.54 -4.67 -33.64
N GLY B 138 5.12 -5.58 -32.88
CA GLY B 138 5.29 -5.25 -31.46
C GLY B 138 6.32 -6.14 -30.81
N CYS B 139 6.55 -5.85 -29.51
CA CYS B 139 7.42 -6.68 -28.70
C CYS B 139 6.77 -6.79 -27.33
N LEU B 140 6.72 -8.02 -26.82
CA LEU B 140 6.09 -8.34 -25.56
C LEU B 140 7.21 -8.54 -24.54
N VAL B 141 7.19 -7.78 -23.45
CA VAL B 141 8.34 -7.70 -22.55
C VAL B 141 7.86 -8.26 -21.21
N LYS B 142 8.28 -9.46 -20.89
CA LYS B 142 7.63 -10.24 -19.86
C LYS B 142 8.58 -10.67 -18.74
N GLY B 143 8.08 -10.59 -17.50
CA GLY B 143 8.77 -11.24 -16.42
C GLY B 143 10.00 -10.51 -15.89
N TYR B 144 10.00 -9.17 -15.87
CA TYR B 144 11.14 -8.43 -15.37
C TYR B 144 10.84 -7.76 -14.04
N PHE B 145 11.91 -7.36 -13.35
CA PHE B 145 11.70 -6.66 -12.10
C PHE B 145 13.01 -5.93 -11.75
N PRO B 146 12.92 -4.71 -11.18
CA PRO B 146 11.74 -3.85 -10.99
C PRO B 146 11.48 -3.02 -12.22
N GLU B 147 10.54 -2.07 -12.16
CA GLU B 147 10.41 -1.08 -13.22
C GLU B 147 11.71 -0.28 -13.26
N SER B 148 12.05 0.34 -14.38
CA SER B 148 11.29 0.38 -15.63
C SER B 148 12.11 -0.24 -16.76
N VAL B 149 11.46 -0.47 -17.91
CA VAL B 149 12.16 -0.77 -19.15
C VAL B 149 11.85 0.35 -20.13
N THR B 150 12.72 0.51 -21.12
CA THR B 150 12.49 1.37 -22.26
CA THR B 150 12.43 1.36 -22.26
C THR B 150 12.55 0.53 -23.53
N VAL B 151 11.60 0.72 -24.43
CA VAL B 151 11.56 0.00 -25.70
C VAL B 151 11.78 1.03 -26.77
N THR B 152 12.87 0.88 -27.49
CA THR B 152 13.23 1.78 -28.58
C THR B 152 13.10 1.04 -29.91
N TRP B 153 12.34 1.61 -30.84
CA TRP B 153 12.18 1.04 -32.17
C TRP B 153 13.10 1.74 -33.17
N ASN B 154 13.84 0.95 -33.96
CA ASN B 154 14.85 1.45 -34.89
C ASN B 154 15.70 2.57 -34.31
N SER B 155 16.30 2.28 -33.15
CA SER B 155 16.92 3.23 -32.21
C SER B 155 16.42 4.66 -32.39
N GLY B 156 15.10 4.87 -32.24
CA GLY B 156 14.51 6.18 -32.09
C GLY B 156 13.90 6.77 -33.36
N SER B 157 14.31 6.26 -34.53
CA SER B 157 13.78 6.79 -35.79
C SER B 157 12.29 6.53 -35.93
N LEU B 158 11.77 5.50 -35.25
CA LEU B 158 10.34 5.32 -35.06
C LEU B 158 9.97 5.80 -33.67
N SER B 159 8.94 6.65 -33.58
CA SER B 159 8.41 7.05 -32.28
C SER B 159 7.01 7.64 -32.45
N SER B 160 6.74 8.24 -33.62
CA SER B 160 5.41 8.79 -33.86
C SER B 160 4.33 7.72 -33.75
N SER B 161 4.55 6.59 -34.43
CA SER B 161 3.58 5.50 -34.54
C SER B 161 3.86 4.38 -33.56
N VAL B 162 4.47 4.71 -32.44
CA VAL B 162 4.80 3.79 -31.35
C VAL B 162 3.80 3.99 -30.23
N HIS B 163 3.32 2.89 -29.67
CA HIS B 163 2.52 2.90 -28.46
C HIS B 163 3.23 2.10 -27.38
N THR B 164 3.42 2.71 -26.22
CA THR B 164 4.10 2.10 -25.11
C THR B 164 3.05 1.77 -24.04
N PHE B 165 2.83 0.47 -23.79
CA PHE B 165 1.74 0.15 -22.87
C PHE B 165 2.30 -0.01 -21.45
N PRO B 166 1.75 0.68 -20.47
CA PRO B 166 2.27 0.59 -19.10
C PRO B 166 2.30 -0.83 -18.57
N ALA B 167 3.30 -1.10 -17.72
CA ALA B 167 3.46 -2.45 -17.17
C ALA B 167 2.39 -2.78 -16.16
N LEU B 168 2.08 -4.07 -16.07
CA LEU B 168 1.24 -4.62 -15.01
C LEU B 168 1.95 -5.79 -14.36
N LEU B 169 1.53 -6.13 -13.14
CA LEU B 169 2.15 -7.23 -12.43
C LEU B 169 1.46 -8.53 -12.76
N GLN B 170 2.29 -9.59 -12.94
CA GLN B 170 1.79 -10.93 -13.09
C GLN B 170 2.80 -11.83 -12.40
N SER B 171 2.34 -12.58 -11.40
CA SER B 171 3.20 -13.53 -10.68
C SER B 171 4.38 -12.82 -10.03
N GLY B 172 4.16 -11.61 -9.57
CA GLY B 172 5.17 -10.83 -8.88
C GLY B 172 6.19 -10.17 -9.77
N LEU B 173 6.03 -10.28 -11.09
CA LEU B 173 6.93 -9.66 -12.04
C LEU B 173 6.14 -8.79 -12.99
N TYR B 174 6.81 -7.84 -13.60
CA TYR B 174 6.15 -6.95 -14.55
C TYR B 174 6.12 -7.52 -15.97
N THR B 175 5.02 -7.21 -16.67
CA THR B 175 4.93 -7.45 -18.12
C THR B 175 4.40 -6.18 -18.76
N MET B 176 4.99 -5.77 -19.92
CA MET B 176 4.48 -4.66 -20.72
C MET B 176 4.61 -5.05 -22.18
N SER B 177 4.05 -4.21 -23.04
CA SER B 177 4.23 -4.39 -24.47
C SER B 177 4.41 -3.04 -25.14
N SER B 178 4.87 -3.11 -26.39
CA SER B 178 5.06 -1.92 -27.19
C SER B 178 4.71 -2.27 -28.62
N SER B 179 3.92 -1.42 -29.29
CA SER B 179 3.61 -1.61 -30.72
C SER B 179 4.23 -0.49 -31.56
N VAL B 180 4.49 -0.81 -32.84
CA VAL B 180 4.83 0.20 -33.81
C VAL B 180 4.03 -0.12 -35.07
N THR B 181 3.57 0.94 -35.73
CA THR B 181 2.87 0.80 -37.00
C THR B 181 3.70 1.54 -38.03
N VAL B 182 3.96 0.86 -39.14
CA VAL B 182 4.92 1.31 -40.13
C VAL B 182 4.32 1.07 -41.51
N PRO B 183 4.71 1.84 -42.53
CA PRO B 183 4.17 1.53 -43.88
C PRO B 183 4.61 0.14 -44.30
N SER B 184 3.73 -0.60 -44.96
CA SER B 184 4.13 -1.95 -45.39
CA SER B 184 4.18 -1.94 -45.33
C SER B 184 5.22 -1.92 -46.45
N SER B 185 5.38 -0.79 -47.15
CA SER B 185 6.47 -0.61 -48.09
C SER B 185 7.84 -0.61 -47.43
N THR B 186 7.89 -0.50 -46.10
CA THR B 186 9.17 -0.49 -45.34
C THR B 186 9.43 -1.77 -44.54
N TRP B 187 8.48 -2.69 -44.46
CA TRP B 187 8.73 -3.94 -43.74
C TRP B 187 7.93 -5.05 -44.38
N PRO B 188 8.56 -6.21 -44.65
CA PRO B 188 9.91 -6.59 -44.20
C PRO B 188 11.03 -6.13 -45.10
N SER B 189 10.76 -5.35 -46.15
CA SER B 189 11.83 -4.97 -47.07
C SER B 189 12.98 -4.24 -46.35
N GLN B 190 12.69 -3.55 -45.25
CA GLN B 190 13.72 -2.99 -44.41
C GLN B 190 13.59 -3.49 -42.98
N THR B 191 14.70 -3.40 -42.25
CA THR B 191 14.74 -3.93 -40.90
C THR B 191 13.90 -3.09 -39.94
N VAL B 192 13.14 -3.76 -39.07
CA VAL B 192 12.54 -3.16 -37.88
C VAL B 192 13.05 -3.93 -36.67
N THR B 193 13.59 -3.19 -35.69
CA THR B 193 14.12 -3.78 -34.47
CA THR B 193 14.11 -3.80 -34.46
C THR B 193 13.49 -3.12 -33.24
N CYS B 194 13.14 -3.89 -32.23
CA CYS B 194 12.82 -3.34 -30.92
C CYS B 194 14.03 -3.57 -30.02
N SER B 195 14.43 -2.53 -29.29
CA SER B 195 15.58 -2.67 -28.40
C SER B 195 15.05 -2.38 -27.00
N VAL B 196 15.15 -3.38 -26.12
CA VAL B 196 14.49 -3.35 -24.82
C VAL B 196 15.60 -3.17 -23.78
N ALA B 197 15.63 -2.02 -23.11
CA ALA B 197 16.68 -1.76 -22.12
C ALA B 197 16.07 -1.88 -20.74
N HIS B 198 16.73 -2.65 -19.86
CA HIS B 198 16.33 -2.79 -18.46
C HIS B 198 17.50 -2.37 -17.59
N PRO B 199 17.64 -1.08 -17.32
CA PRO B 199 18.87 -0.59 -16.63
C PRO B 199 19.12 -1.23 -15.28
N ALA B 200 18.07 -1.62 -14.56
CA ALA B 200 18.24 -2.22 -13.23
C ALA B 200 19.06 -3.50 -13.30
N SER B 201 18.89 -4.29 -14.40
CA SER B 201 19.62 -5.52 -14.59
C SER B 201 20.77 -5.36 -15.58
N SER B 202 21.03 -4.13 -16.04
CA SER B 202 22.16 -3.86 -16.94
C SER B 202 22.09 -4.75 -18.18
N THR B 203 20.86 -4.91 -18.67
CA THR B 203 20.55 -5.79 -19.80
CA THR B 203 20.60 -5.77 -19.82
C THR B 203 19.87 -5.02 -20.91
N THR B 204 20.33 -5.25 -22.16
CA THR B 204 19.60 -4.80 -23.35
C THR B 204 19.36 -5.99 -24.25
N VAL B 205 18.16 -6.09 -24.77
CA VAL B 205 17.76 -7.17 -25.68
C VAL B 205 17.27 -6.53 -26.98
N ASP B 206 17.87 -6.92 -28.11
CA ASP B 206 17.44 -6.42 -29.41
C ASP B 206 16.81 -7.57 -30.16
N LYS B 207 15.61 -7.36 -30.72
CA LYS B 207 14.97 -8.33 -31.59
C LYS B 207 14.70 -7.67 -32.94
N LYS B 208 15.16 -8.30 -34.01
CA LYS B 208 14.72 -7.94 -35.36
C LYS B 208 13.43 -8.69 -35.70
N LEU B 209 12.38 -7.94 -36.08
CA LEU B 209 11.08 -8.50 -36.34
C LEU B 209 11.09 -9.15 -37.71
N GLU B 210 10.65 -10.41 -37.78
CA GLU B 210 10.73 -11.24 -38.99
C GLU B 210 9.34 -11.74 -39.34
N PRO B 211 9.02 -11.83 -40.64
CA PRO B 211 7.70 -12.29 -41.12
C PRO B 211 7.51 -13.79 -40.99
N ASP C 1 -3.89 -1.26 -11.51
CA ASP C 1 -4.88 -1.48 -10.47
C ASP C 1 -5.46 -0.14 -10.01
N VAL C 2 -6.65 -0.18 -9.41
CA VAL C 2 -7.33 1.01 -8.88
C VAL C 2 -7.07 1.01 -7.38
N LEU C 3 -6.24 1.93 -6.93
CA LEU C 3 -5.79 1.89 -5.55
C LEU C 3 -6.65 2.82 -4.69
N LEU C 4 -6.99 2.33 -3.50
CA LEU C 4 -7.77 3.08 -2.50
C LEU C 4 -6.84 3.55 -1.38
N THR C 5 -6.97 4.81 -0.99
CA THR C 5 -6.18 5.38 0.12
C THR C 5 -7.13 6.00 1.13
N GLN C 6 -6.82 5.82 2.45
CA GLN C 6 -7.74 6.31 3.45
C GLN C 6 -7.03 7.30 4.37
N THR C 7 -7.82 8.19 4.95
CA THR C 7 -7.33 9.11 5.96
C THR C 7 -8.46 9.44 6.93
N PRO C 8 -8.13 9.64 8.22
CA PRO C 8 -6.81 9.53 8.83
C PRO C 8 -6.42 8.09 9.06
N LEU C 9 -5.12 7.84 9.32
CA LEU C 9 -4.70 6.47 9.67
C LEU C 9 -5.31 6.02 10.98
N SER C 10 -5.35 6.93 11.95
CA SER C 10 -5.88 6.71 13.27
C SER C 10 -6.81 7.86 13.63
N LEU C 11 -7.91 7.54 14.28
CA LEU C 11 -8.88 8.54 14.68
C LEU C 11 -9.30 8.31 16.13
N PRO C 12 -8.70 9.00 17.07
CA PRO C 12 -9.21 8.96 18.46
C PRO C 12 -10.48 9.79 18.63
N VAL C 13 -11.44 9.21 19.35
CA VAL C 13 -12.72 9.87 19.58
C VAL C 13 -13.17 9.63 21.01
N ASN C 14 -14.00 10.55 21.49
CA ASN C 14 -14.79 10.25 22.69
C ASN C 14 -16.05 9.50 22.28
N LEU C 15 -16.50 8.58 23.12
CA LEU C 15 -17.77 7.93 22.82
C LEU C 15 -18.90 8.97 22.74
N GLY C 16 -19.78 8.82 21.74
CA GLY C 16 -20.78 9.83 21.48
C GLY C 16 -20.39 10.90 20.47
N ASP C 17 -19.11 11.01 20.12
CA ASP C 17 -18.66 11.98 19.14
C ASP C 17 -19.15 11.56 17.77
N GLN C 18 -19.21 12.51 16.86
CA GLN C 18 -19.32 12.18 15.43
C GLN C 18 -17.92 12.01 14.84
N ALA C 19 -17.71 10.92 14.10
CA ALA C 19 -16.43 10.64 13.46
C ALA C 19 -16.64 10.62 11.94
N SER C 20 -15.68 11.17 11.22
CA SER C 20 -15.70 11.16 9.76
C SER C 20 -14.39 10.61 9.25
N ILE C 21 -14.47 9.82 8.18
N ILE C 21 -14.46 9.71 8.30
CA ILE C 21 -13.39 8.95 7.71
CA ILE C 21 -13.24 9.23 7.72
C ILE C 21 -13.46 8.92 6.19
C ILE C 21 -13.47 9.27 6.22
N SER C 22 -12.38 9.26 5.48
CA SER C 22 -12.51 9.34 4.03
C SER C 22 -11.63 8.31 3.31
N CYS C 23 -12.09 8.04 2.09
CA CYS C 23 -11.49 7.10 1.18
C CYS C 23 -11.36 7.78 -0.17
N ARG C 24 -10.21 7.61 -0.81
CA ARG C 24 -9.96 8.22 -2.12
C ARG C 24 -9.54 7.12 -3.09
N SER C 25 -9.99 7.18 -4.33
CA SER C 25 -9.57 6.19 -5.31
CA SER C 25 -9.56 6.19 -5.30
C SER C 25 -8.70 6.85 -6.38
N SER C 26 -7.88 6.02 -7.07
CA SER C 26 -7.04 6.59 -8.11
C SER C 26 -7.76 6.72 -9.46
N GLN C 27 -8.95 6.12 -9.58
CA GLN C 27 -9.83 6.31 -10.73
C GLN C 27 -11.27 6.23 -10.23
N THR C 28 -12.21 6.64 -11.09
CA THR C 28 -13.60 6.58 -10.63
C THR C 28 -14.03 5.18 -10.22
N ILE C 29 -14.92 5.14 -9.23
CA ILE C 29 -15.54 3.87 -8.88
C ILE C 29 -16.90 3.68 -9.55
N LEU C 30 -17.39 4.69 -10.24
CA LEU C 30 -18.62 4.53 -11.03
C LEU C 30 -18.45 3.43 -12.08
N HIS C 31 -19.33 2.44 -12.02
CA HIS C 31 -19.34 1.30 -12.96
C HIS C 31 -20.17 1.62 -14.19
N SER C 32 -19.91 0.90 -15.26
CA SER C 32 -20.65 1.16 -16.50
C SER C 32 -22.14 0.87 -16.37
N ASP C 33 -22.56 0.10 -15.35
CA ASP C 33 -23.97 -0.19 -15.10
C ASP C 33 -24.70 0.91 -14.36
N GLY C 34 -24.01 2.02 -14.04
CA GLY C 34 -24.62 3.13 -13.35
C GLY C 34 -24.46 3.13 -11.86
N TYR C 35 -24.01 2.03 -11.27
CA TYR C 35 -23.84 1.94 -9.83
C TYR C 35 -22.38 2.21 -9.50
N THR C 36 -22.14 2.59 -8.24
CA THR C 36 -20.78 2.84 -7.76
C THR C 36 -20.51 1.89 -6.59
N TYR C 37 -19.69 0.86 -6.83
CA TYR C 37 -19.50 -0.25 -5.89
C TYR C 37 -18.39 0.07 -4.88
N LEU C 38 -18.64 1.09 -4.08
CA LEU C 38 -17.73 1.49 -3.00
C LEU C 38 -18.35 1.01 -1.68
N GLU C 39 -17.59 0.21 -0.92
CA GLU C 39 -18.09 -0.45 0.29
C GLU C 39 -17.23 -0.09 1.50
N TRP C 40 -17.84 -0.16 2.68
CA TRP C 40 -17.14 0.09 3.94
C TRP C 40 -17.30 -1.13 4.83
N TYR C 41 -16.18 -1.58 5.43
CA TYR C 41 -16.13 -2.75 6.32
C TYR C 41 -15.57 -2.30 7.67
N LEU C 42 -16.06 -2.89 8.76
CA LEU C 42 -15.45 -2.75 10.09
C LEU C 42 -14.84 -4.07 10.50
N GLN C 43 -13.59 -4.05 11.00
CA GLN C 43 -12.96 -5.22 11.57
C GLN C 43 -12.65 -4.90 13.04
N ARG C 44 -13.38 -5.53 13.95
N ARG C 44 -13.33 -5.52 13.91
CA ARG C 44 -13.10 -5.38 15.36
CA ARG C 44 -13.08 -5.32 15.32
C ARG C 44 -11.85 -6.18 15.68
C ARG C 44 -11.99 -6.29 15.79
N PRO C 45 -11.24 -5.95 16.83
CA PRO C 45 -10.09 -6.79 17.20
C PRO C 45 -10.50 -8.22 17.44
N GLY C 46 -9.70 -9.15 16.91
CA GLY C 46 -9.94 -10.58 16.99
C GLY C 46 -11.05 -11.10 16.08
N GLN C 47 -11.62 -10.25 15.23
CA GLN C 47 -12.75 -10.67 14.44
C GLN C 47 -12.45 -10.49 12.97
N SER C 48 -13.33 -11.01 12.13
N SER C 48 -13.34 -11.03 12.13
N SER C 48 -13.34 -11.06 12.12
CA SER C 48 -13.18 -10.79 10.71
CA SER C 48 -13.20 -10.81 10.70
CA SER C 48 -13.28 -10.83 10.68
C SER C 48 -13.88 -9.50 10.29
C SER C 48 -13.91 -9.52 10.27
C SER C 48 -13.90 -9.50 10.29
N PRO C 49 -13.52 -8.94 9.12
CA PRO C 49 -14.23 -7.76 8.61
C PRO C 49 -15.72 -8.07 8.43
N LYS C 50 -16.53 -7.00 8.60
CA LYS C 50 -18.00 -7.09 8.51
C LYS C 50 -18.51 -5.96 7.64
N LEU C 51 -19.39 -6.29 6.70
CA LEU C 51 -19.93 -5.28 5.82
C LEU C 51 -20.85 -4.29 6.57
N LEU C 52 -20.59 -3.01 6.40
CA LEU C 52 -21.42 -1.92 6.91
C LEU C 52 -22.24 -1.29 5.81
N ILE C 53 -21.60 -0.86 4.72
CA ILE C 53 -22.20 -0.01 3.69
C ILE C 53 -21.77 -0.53 2.33
N TYR C 54 -22.70 -0.65 1.40
CA TYR C 54 -22.32 -0.98 0.03
C TYR C 54 -22.93 0.05 -0.90
N ARG C 55 -22.46 0.06 -2.16
CA ARG C 55 -22.94 1.01 -3.17
C ARG C 55 -22.94 2.45 -2.64
N VAL C 56 -21.82 2.84 -1.97
CA VAL C 56 -21.63 4.19 -1.44
C VAL C 56 -22.46 4.48 -0.18
N TYR C 57 -23.77 4.29 -0.23
CA TYR C 57 -24.61 4.73 0.89
C TYR C 57 -25.61 3.68 1.40
N LYS C 58 -25.69 2.49 0.80
CA LYS C 58 -26.70 1.53 1.21
C LYS C 58 -26.25 0.83 2.47
N ARG C 59 -27.08 0.84 3.51
CA ARG C 59 -26.73 0.19 4.75
CA ARG C 59 -26.72 0.19 4.76
C ARG C 59 -27.09 -1.28 4.68
N PHE C 60 -26.13 -2.13 5.04
CA PHE C 60 -26.38 -3.55 5.06
C PHE C 60 -27.37 -3.88 6.18
N SER C 61 -28.05 -5.00 6.05
CA SER C 61 -29.05 -5.37 7.05
C SER C 61 -28.43 -5.43 8.45
N GLY C 62 -29.19 -4.95 9.45
CA GLY C 62 -28.71 -4.95 10.82
C GLY C 62 -27.74 -3.84 11.17
N ILE C 63 -27.34 -3.01 10.22
CA ILE C 63 -26.36 -1.97 10.53
C ILE C 63 -27.16 -0.75 11.00
N PRO C 64 -26.84 -0.14 12.14
CA PRO C 64 -27.68 0.94 12.66
C PRO C 64 -27.52 2.24 11.85
N ASP C 65 -28.52 3.11 11.95
CA ASP C 65 -28.53 4.30 11.10
C ASP C 65 -27.52 5.37 11.48
N ARG C 66 -26.76 5.21 12.57
CA ARG C 66 -25.68 6.16 12.82
C ARG C 66 -24.54 6.06 11.81
N PHE C 67 -24.53 5.02 10.96
CA PHE C 67 -23.51 4.84 9.92
C PHE C 67 -24.05 5.44 8.65
N ARG C 68 -23.38 6.45 8.12
CA ARG C 68 -23.81 7.08 6.87
C ARG C 68 -22.67 7.13 5.87
N GLY C 69 -22.92 6.60 4.66
CA GLY C 69 -21.93 6.65 3.60
C GLY C 69 -22.30 7.70 2.59
N SER C 70 -21.29 8.40 2.06
CA SER C 70 -21.56 9.41 1.04
C SER C 70 -20.37 9.47 0.11
N GLY C 71 -20.57 10.20 -0.98
CA GLY C 71 -19.50 10.55 -1.90
C GLY C 71 -19.83 10.11 -3.33
N SER C 72 -18.86 10.31 -4.20
CA SER C 72 -19.01 9.88 -5.58
C SER C 72 -17.66 10.05 -6.26
N GLY C 73 -17.55 9.41 -7.45
CA GLY C 73 -16.35 9.48 -8.27
C GLY C 73 -15.13 8.90 -7.57
N MET C 74 -14.27 9.76 -7.04
CA MET C 74 -13.07 9.27 -6.34
C MET C 74 -12.98 9.71 -4.88
N ASP C 75 -14.00 10.37 -4.33
CA ASP C 75 -13.95 10.76 -2.92
C ASP C 75 -15.17 10.27 -2.16
N PHE C 76 -14.95 9.55 -1.05
CA PHE C 76 -16.05 8.98 -0.31
C PHE C 76 -15.80 9.19 1.17
N THR C 77 -16.88 9.30 1.91
CA THR C 77 -16.78 9.55 3.35
C THR C 77 -17.72 8.60 4.08
N LEU C 78 -17.28 8.12 5.24
CA LEU C 78 -18.12 7.39 6.18
C LEU C 78 -18.26 8.25 7.41
N THR C 79 -19.48 8.50 7.83
CA THR C 79 -19.72 9.28 9.05
C THR C 79 -20.41 8.42 10.07
N ILE C 80 -19.92 8.42 11.31
CA ILE C 80 -20.52 7.67 12.38
C ILE C 80 -21.04 8.69 13.36
N SER C 81 -22.36 8.79 13.51
CA SER C 81 -22.94 9.85 14.34
C SER C 81 -23.26 9.29 15.72
N GLY C 82 -22.31 9.44 16.64
CA GLY C 82 -22.50 8.91 17.98
C GLY C 82 -21.73 7.62 18.18
N VAL C 83 -20.39 7.69 18.21
CA VAL C 83 -19.57 6.48 18.25
C VAL C 83 -19.84 5.70 19.53
N GLU C 84 -20.11 4.40 19.37
CA GLU C 84 -20.28 3.48 20.49
C GLU C 84 -19.08 2.56 20.59
N ALA C 85 -18.89 1.99 21.81
CA ALA C 85 -17.73 1.10 22.03
C ALA C 85 -17.67 -0.03 20.99
N GLU C 86 -18.82 -0.59 20.61
CA GLU C 86 -18.85 -1.64 19.59
C GLU C 86 -18.43 -1.17 18.21
N ASP C 87 -18.32 0.14 17.99
CA ASP C 87 -17.83 0.67 16.73
C ASP C 87 -16.30 0.76 16.65
N LEU C 88 -15.55 0.55 17.72
CA LEU C 88 -14.11 0.69 17.64
C LEU C 88 -13.49 -0.45 16.86
N GLY C 89 -12.47 -0.15 16.09
CA GLY C 89 -11.81 -1.14 15.27
C GLY C 89 -11.24 -0.49 14.04
N ILE C 90 -10.92 -1.29 13.00
CA ILE C 90 -10.36 -0.75 11.77
C ILE C 90 -11.44 -0.73 10.69
N TYR C 91 -11.60 0.44 10.05
CA TYR C 91 -12.54 0.63 8.92
C TYR C 91 -11.77 0.56 7.62
N TYR C 92 -12.25 -0.28 6.68
CA TYR C 92 -11.68 -0.36 5.37
C TYR C 92 -12.73 0.05 4.36
N CYS C 93 -12.30 0.78 3.36
CA CYS C 93 -13.10 0.93 2.14
C CYS C 93 -12.62 -0.09 1.13
N PHE C 94 -13.47 -0.38 0.13
CA PHE C 94 -13.29 -1.51 -0.77
C PHE C 94 -14.01 -1.14 -2.05
N GLN C 95 -13.45 -1.47 -3.20
CA GLN C 95 -14.19 -1.23 -4.45
C GLN C 95 -14.45 -2.57 -5.12
N GLY C 96 -15.67 -2.69 -5.66
CA GLY C 96 -16.12 -3.90 -6.34
C GLY C 96 -16.39 -3.66 -7.81
N SER C 97 -15.81 -2.60 -8.38
CA SER C 97 -16.06 -2.21 -9.77
C SER C 97 -15.02 -2.72 -10.75
N TYR C 98 -13.87 -3.14 -10.25
CA TYR C 98 -12.76 -3.52 -11.12
C TYR C 98 -12.15 -4.81 -10.62
N VAL C 99 -11.43 -5.47 -11.52
CA VAL C 99 -10.51 -6.55 -11.15
C VAL C 99 -9.09 -6.07 -11.37
N PRO C 100 -8.21 -6.28 -10.39
CA PRO C 100 -8.45 -6.88 -9.08
C PRO C 100 -9.31 -6.02 -8.18
N ARG C 101 -10.00 -6.67 -7.25
CA ARG C 101 -10.61 -5.93 -6.16
C ARG C 101 -9.49 -5.34 -5.29
N THR C 102 -9.79 -4.21 -4.69
CA THR C 102 -8.80 -3.53 -3.81
C THR C 102 -9.47 -2.96 -2.57
N PHE C 103 -8.65 -2.82 -1.51
CA PHE C 103 -9.03 -2.27 -0.23
C PHE C 103 -8.13 -1.08 0.08
N GLY C 104 -8.70 -0.07 0.74
CA GLY C 104 -7.87 0.93 1.39
C GLY C 104 -7.06 0.30 2.53
N GLY C 105 -6.11 1.09 3.02
CA GLY C 105 -5.22 0.61 4.10
C GLY C 105 -5.80 0.61 5.54
N GLY C 106 -7.01 1.13 5.73
CA GLY C 106 -7.69 1.05 7.01
C GLY C 106 -7.55 2.34 7.79
N THR C 107 -8.61 2.74 8.47
CA THR C 107 -8.59 3.80 9.48
C THR C 107 -8.92 3.16 10.82
N LYS C 108 -8.09 3.39 11.85
CA LYS C 108 -8.32 2.72 13.13
C LYS C 108 -9.03 3.71 14.05
N LEU C 109 -10.24 3.35 14.47
CA LEU C 109 -11.05 4.20 15.33
C LEU C 109 -10.75 3.75 16.76
N GLU C 110 -10.22 4.68 17.58
N GLU C 110 -10.28 4.69 17.60
CA GLU C 110 -9.71 4.41 18.92
CA GLU C 110 -9.78 4.39 18.94
C GLU C 110 -10.26 5.47 19.90
C GLU C 110 -10.41 5.36 19.93
N ILE C 111 -10.04 5.23 21.19
CA ILE C 111 -10.56 6.09 22.24
CA ILE C 111 -10.56 6.10 22.25
C ILE C 111 -9.57 7.22 22.53
N LYS C 112 -10.09 8.44 22.64
CA LYS C 112 -9.32 9.61 23.09
C LYS C 112 -9.44 9.73 24.62
N ARG C 113 -8.34 10.02 25.32
CA ARG C 113 -8.43 10.24 26.77
C ARG C 113 -7.40 11.30 27.13
N ALA C 114 -7.32 11.63 28.43
CA ALA C 114 -6.32 12.61 28.86
C ALA C 114 -4.91 12.10 28.60
N ASP C 115 -4.02 12.99 28.20
CA ASP C 115 -2.64 12.58 27.92
C ASP C 115 -1.97 12.10 29.19
N ALA C 116 -1.05 11.14 29.03
CA ALA C 116 -0.32 10.59 30.16
C ALA C 116 1.10 10.24 29.74
N ALA C 117 2.07 10.66 30.55
CA ALA C 117 3.45 10.23 30.34
C ALA C 117 3.62 8.76 30.68
N PRO C 118 4.56 8.07 30.00
CA PRO C 118 4.85 6.66 30.35
C PRO C 118 5.49 6.56 31.71
N THR C 119 5.16 5.49 32.40
CA THR C 119 5.97 5.06 33.54
C THR C 119 7.10 4.23 32.99
N VAL C 120 8.34 4.67 33.18
CA VAL C 120 9.47 4.04 32.48
C VAL C 120 10.33 3.30 33.48
N SER C 121 10.64 2.03 33.19
CA SER C 121 11.39 1.16 34.08
C SER C 121 12.45 0.45 33.25
N ILE C 122 13.71 0.50 33.74
CA ILE C 122 14.84 -0.09 33.04
C ILE C 122 15.39 -1.28 33.84
N PHE C 123 15.79 -2.33 33.12
CA PHE C 123 16.27 -3.57 33.72
C PHE C 123 17.59 -3.99 33.08
N PRO C 124 18.62 -4.25 33.89
CA PRO C 124 19.84 -4.87 33.39
C PRO C 124 19.61 -6.31 33.01
N PRO C 125 20.57 -6.91 32.32
CA PRO C 125 20.54 -8.37 32.09
C PRO C 125 20.40 -9.12 33.41
N SER C 126 19.55 -10.14 33.37
CA SER C 126 19.45 -11.06 34.48
C SER C 126 20.76 -11.85 34.67
N SER C 127 20.99 -12.32 35.90
CA SER C 127 22.11 -13.21 36.21
C SER C 127 22.11 -14.42 35.30
N GLU C 128 20.93 -14.97 35.06
CA GLU C 128 20.81 -16.19 34.25
C GLU C 128 21.23 -15.94 32.82
N GLN C 129 20.78 -14.81 32.24
CA GLN C 129 21.18 -14.51 30.88
C GLN C 129 22.67 -14.23 30.79
N LEU C 130 23.23 -13.50 31.77
CA LEU C 130 24.66 -13.27 31.78
C LEU C 130 25.43 -14.58 31.85
N THR C 131 24.99 -15.50 32.72
CA THR C 131 25.64 -16.83 32.78
C THR C 131 25.64 -17.47 31.40
N SER C 132 24.55 -17.30 30.70
CA SER C 132 24.36 -17.91 29.38
C SER C 132 25.15 -17.23 28.27
N GLY C 133 25.82 -16.11 28.58
CA GLY C 133 26.57 -15.33 27.60
C GLY C 133 25.81 -14.29 26.81
N GLY C 134 24.57 -13.93 27.20
CA GLY C 134 23.78 -12.94 26.50
C GLY C 134 23.57 -11.72 27.38
N ALA C 135 23.08 -10.64 26.77
CA ALA C 135 22.88 -9.42 27.54
C ALA C 135 21.78 -8.60 26.87
N SER C 136 20.56 -8.72 27.39
CA SER C 136 19.42 -7.93 26.94
C SER C 136 19.10 -6.91 28.01
N VAL C 137 19.04 -5.64 27.61
CA VAL C 137 18.65 -4.53 28.50
C VAL C 137 17.24 -4.17 28.11
N VAL C 138 16.31 -4.15 29.07
CA VAL C 138 14.89 -3.98 28.78
C VAL C 138 14.38 -2.67 29.38
N CYS C 139 13.60 -1.91 28.61
N CYS C 139 13.50 -2.00 28.65
CA CYS C 139 12.83 -0.81 29.16
CA CYS C 139 12.86 -0.77 29.08
C CYS C 139 11.36 -1.05 28.89
C CYS C 139 11.36 -0.92 28.86
N PHE C 140 10.56 -0.90 29.93
CA PHE C 140 9.10 -0.83 29.78
C PHE C 140 8.67 0.63 29.85
N LEU C 141 7.79 1.01 28.92
CA LEU C 141 7.21 2.35 28.89
C LEU C 141 5.71 2.14 29.00
N ASN C 142 5.17 2.28 30.22
CA ASN C 142 3.83 1.77 30.47
C ASN C 142 2.80 2.88 30.69
N ASN C 143 1.60 2.62 30.21
CA ASN C 143 0.36 3.39 30.49
C ASN C 143 0.48 4.84 30.09
N PHE C 144 0.78 5.03 28.80
CA PHE C 144 0.94 6.37 28.27
C PHE C 144 -0.13 6.63 27.21
N TYR C 145 -0.35 7.91 26.95
CA TYR C 145 -1.35 8.36 25.94
C TYR C 145 -0.89 9.76 25.52
N PRO C 146 -0.82 10.06 24.22
CA PRO C 146 -1.27 9.23 23.09
C PRO C 146 -0.26 8.16 22.71
N LYS C 147 -0.57 7.35 21.67
CA LYS C 147 0.22 6.17 21.38
C LYS C 147 1.56 6.49 20.72
N ASP C 148 1.73 7.68 20.20
CA ASP C 148 2.96 8.04 19.51
C ASP C 148 4.08 8.25 20.52
N ILE C 149 5.20 7.55 20.35
CA ILE C 149 6.29 7.66 21.31
C ILE C 149 7.57 7.27 20.58
N ASN C 150 8.69 7.77 21.05
CA ASN C 150 9.97 7.38 20.47
CA ASN C 150 9.98 7.41 20.47
C ASN C 150 10.96 7.05 21.58
N VAL C 151 11.67 5.95 21.41
CA VAL C 151 12.65 5.49 22.38
CA VAL C 151 12.65 5.48 22.38
C VAL C 151 14.02 5.50 21.72
N LYS C 152 14.98 6.06 22.41
CA LYS C 152 16.37 6.12 22.00
C LYS C 152 17.21 5.42 23.06
N TRP C 153 18.07 4.51 22.64
CA TRP C 153 18.99 3.85 23.58
C TRP C 153 20.35 4.52 23.48
N LYS C 154 20.98 4.74 24.63
CA LYS C 154 22.36 5.20 24.68
C LYS C 154 23.22 4.28 25.53
N ILE C 155 24.45 4.06 25.05
CA ILE C 155 25.47 3.30 25.75
C ILE C 155 26.63 4.24 25.97
N ASP C 156 27.01 4.44 27.23
CA ASP C 156 28.02 5.42 27.61
C ASP C 156 27.80 6.75 26.90
N GLY C 157 26.54 7.21 26.90
CA GLY C 157 26.22 8.49 26.33
C GLY C 157 26.02 8.53 24.83
N SER C 158 26.25 7.43 24.12
CA SER C 158 26.24 7.43 22.66
C SER C 158 25.04 6.62 22.12
N GLU C 159 24.33 7.21 21.16
CA GLU C 159 23.12 6.58 20.65
C GLU C 159 23.42 5.23 20.01
N ARG C 160 22.54 4.26 20.26
CA ARG C 160 22.70 2.90 19.76
C ARG C 160 21.40 2.48 19.10
N GLN C 161 21.46 2.20 17.80
CA GLN C 161 20.24 1.81 17.09
C GLN C 161 20.16 0.31 16.81
N ASN C 162 21.22 -0.29 16.27
CA ASN C 162 21.19 -1.71 15.96
C ASN C 162 21.04 -2.56 17.21
N GLY C 163 20.24 -3.62 17.11
CA GLY C 163 20.00 -4.50 18.23
C GLY C 163 18.81 -4.13 19.09
N VAL C 164 18.03 -3.12 18.69
CA VAL C 164 16.84 -2.68 19.41
C VAL C 164 15.59 -3.34 18.82
N LEU C 165 14.81 -3.99 19.66
CA LEU C 165 13.53 -4.52 19.25
C LEU C 165 12.43 -3.90 20.11
N ASN C 166 11.32 -3.52 19.49
CA ASN C 166 10.24 -2.81 20.16
C ASN C 166 8.94 -3.58 19.98
N SER C 167 8.12 -3.60 21.02
CA SER C 167 6.81 -4.24 20.96
C SER C 167 5.78 -3.34 21.64
N TRP C 168 4.65 -3.12 20.97
CA TRP C 168 3.63 -2.18 21.46
C TRP C 168 2.33 -2.94 21.73
N THR C 169 1.67 -2.63 22.86
CA THR C 169 0.36 -3.20 23.13
C THR C 169 -0.71 -2.42 22.33
N ASP C 170 -1.87 -3.03 22.17
CA ASP C 170 -3.01 -2.27 21.69
C ASP C 170 -3.59 -1.48 22.84
N GLN C 171 -4.57 -0.64 22.52
CA GLN C 171 -5.09 0.28 23.54
C GLN C 171 -5.78 -0.49 24.66
N ASP C 172 -5.50 -0.09 25.89
CA ASP C 172 -6.00 -0.83 27.05
C ASP C 172 -7.51 -0.73 27.18
N SER C 173 -8.17 -1.89 27.39
CA SER C 173 -9.63 -1.85 27.42
C SER C 173 -10.18 -1.13 28.65
N LYS C 174 -9.40 -1.00 29.72
CA LYS C 174 -9.92 -0.36 30.92
C LYS C 174 -9.51 1.10 31.06
N ASP C 175 -8.25 1.46 30.81
CA ASP C 175 -7.86 2.86 31.01
C ASP C 175 -7.48 3.56 29.70
N SER C 176 -7.65 2.87 28.55
CA SER C 176 -7.44 3.44 27.23
C SER C 176 -6.01 3.98 27.01
N THR C 177 -5.01 3.51 27.80
CA THR C 177 -3.62 3.88 27.54
C THR C 177 -2.93 2.84 26.67
N TYR C 178 -1.69 3.14 26.31
CA TYR C 178 -0.84 2.25 25.52
C TYR C 178 0.38 1.91 26.37
N SER C 179 1.04 0.80 26.05
CA SER C 179 2.32 0.49 26.68
C SER C 179 3.28 -0.09 25.63
N MET C 180 4.56 -0.09 25.96
CA MET C 180 5.59 -0.47 25.00
C MET C 180 6.74 -1.14 25.74
N SER C 181 7.34 -2.15 25.11
CA SER C 181 8.54 -2.80 25.62
C SER C 181 9.63 -2.60 24.58
N SER C 182 10.80 -2.14 25.01
CA SER C 182 11.94 -1.97 24.14
C SER C 182 13.13 -2.75 24.71
N THR C 183 13.77 -3.57 23.85
CA THR C 183 14.88 -4.42 24.31
C THR C 183 16.10 -4.15 23.45
N LEU C 184 17.20 -3.82 24.11
CA LEU C 184 18.51 -3.68 23.50
C LEU C 184 19.28 -4.96 23.76
N THR C 185 19.52 -5.75 22.72
CA THR C 185 20.25 -7.01 22.89
C THR C 185 21.70 -6.83 22.43
N LEU C 186 22.64 -7.12 23.32
CA LEU C 186 24.07 -7.05 23.07
C LEU C 186 24.69 -8.41 23.30
N THR C 187 25.88 -8.61 22.72
CA THR C 187 26.75 -9.66 23.22
C THR C 187 27.17 -9.33 24.65
N LYS C 188 27.36 -10.37 25.46
CA LYS C 188 27.80 -10.11 26.82
C LYS C 188 29.17 -9.45 26.82
N ASP C 189 30.06 -9.89 25.91
CA ASP C 189 31.37 -9.24 25.79
C ASP C 189 31.22 -7.73 25.54
N GLU C 190 30.30 -7.36 24.66
CA GLU C 190 30.11 -5.94 24.39
C GLU C 190 29.50 -5.22 25.59
N TYR C 191 28.41 -5.77 26.15
CA TYR C 191 27.86 -5.27 27.41
C TYR C 191 28.97 -4.98 28.42
N GLU C 192 29.96 -5.88 28.51
CA GLU C 192 30.97 -5.75 29.54
C GLU C 192 31.99 -4.65 29.25
N ARG C 193 32.03 -4.13 28.02
CA ARG C 193 32.98 -3.07 27.69
C ARG C 193 32.47 -1.66 27.98
N HIS C 194 31.22 -1.50 28.45
CA HIS C 194 30.63 -0.20 28.72
C HIS C 194 29.99 -0.17 30.09
N ASN C 195 29.71 1.03 30.58
CA ASN C 195 29.21 1.15 31.94
C ASN C 195 27.79 1.66 32.05
N SER C 196 27.43 2.74 31.36
CA SER C 196 26.11 3.32 31.52
C SER C 196 25.19 2.96 30.36
N TYR C 197 23.95 2.60 30.70
CA TYR C 197 22.94 2.19 29.74
C TYR C 197 21.70 3.01 30.02
N THR C 198 21.16 3.64 28.99
CA THR C 198 20.06 4.61 29.12
C THR C 198 18.99 4.31 28.09
N CYS C 199 17.72 4.31 28.50
CA CYS C 199 16.62 4.45 27.53
C CYS C 199 15.96 5.82 27.71
N GLU C 200 15.75 6.51 26.60
CA GLU C 200 15.19 7.86 26.59
C GLU C 200 13.86 7.83 25.86
N ALA C 201 12.80 8.30 26.52
CA ALA C 201 11.46 8.30 25.92
C ALA C 201 11.06 9.73 25.55
N THR C 202 10.75 9.95 24.27
CA THR C 202 10.21 11.23 23.82
C THR C 202 8.71 11.08 23.57
N HIS C 203 7.92 12.00 24.16
CA HIS C 203 6.47 11.90 24.16
C HIS C 203 5.89 13.29 24.28
N LYS C 204 4.66 13.46 23.76
CA LYS C 204 4.03 14.78 23.70
C LYS C 204 3.84 15.40 25.09
N THR C 205 3.89 14.60 26.16
CA THR C 205 3.65 15.11 27.51
C THR C 205 4.85 15.80 28.15
N SER C 206 6.02 15.81 27.50
CA SER C 206 7.14 16.57 28.08
C SER C 206 7.98 17.19 26.98
N THR C 207 8.50 18.41 27.24
CA THR C 207 9.39 19.05 26.28
C THR C 207 10.81 18.48 26.27
N SER C 208 11.16 17.69 27.28
CA SER C 208 12.42 16.96 27.47
C SER C 208 12.13 15.47 27.51
N PRO C 209 13.04 14.62 27.05
CA PRO C 209 12.80 13.18 27.19
C PRO C 209 12.80 12.73 28.65
N ILE C 210 12.05 11.65 28.92
CA ILE C 210 12.20 10.90 30.15
C ILE C 210 13.42 10.02 30.02
N VAL C 211 14.32 10.10 30.97
CA VAL C 211 15.58 9.36 30.93
C VAL C 211 15.65 8.39 32.10
N LYS C 212 15.87 7.10 31.81
CA LYS C 212 16.13 6.10 32.84
C LYS C 212 17.44 5.41 32.50
N SER C 213 18.27 5.19 33.52
CA SER C 213 19.60 4.64 33.26
CA SER C 213 19.61 4.67 33.26
C SER C 213 20.11 3.87 34.46
N PHE C 214 21.13 3.05 34.20
CA PHE C 214 21.90 2.41 35.26
C PHE C 214 23.35 2.33 34.81
N ASN C 215 24.23 2.14 35.78
CA ASN C 215 25.65 1.91 35.55
C ASN C 215 25.96 0.46 35.91
N ARG C 216 26.69 -0.21 35.01
CA ARG C 216 26.95 -1.64 35.17
C ARG C 216 27.76 -1.90 36.43
N ASN C 217 28.59 -0.93 36.83
CA ASN C 217 29.25 -1.02 38.12
C ASN C 217 28.23 -1.10 39.24
N GLU C 218 27.41 -0.06 39.38
CA GLU C 218 26.41 0.02 40.44
C GLU C 218 25.53 -1.24 40.48
N GLU D 1 -27.16 -17.06 10.10
CA GLU D 1 -27.64 -18.13 9.21
C GLU D 1 -26.74 -18.36 8.01
N VAL D 2 -26.39 -17.33 7.20
CA VAL D 2 -25.27 -17.46 6.28
C VAL D 2 -23.98 -17.61 7.08
N GLN D 3 -23.21 -18.67 6.79
CA GLN D 3 -21.96 -18.91 7.49
C GLN D 3 -20.91 -19.47 6.55
N LEU D 4 -19.69 -18.91 6.63
CA LEU D 4 -18.49 -19.45 5.99
C LEU D 4 -17.52 -19.91 7.08
N GLN D 5 -17.19 -21.20 7.10
CA GLN D 5 -16.37 -21.79 8.17
C GLN D 5 -15.05 -22.27 7.59
N GLN D 6 -13.96 -21.70 8.05
CA GLN D 6 -12.67 -22.04 7.45
C GLN D 6 -11.93 -23.09 8.27
N SER D 7 -10.98 -23.77 7.62
CA SER D 7 -10.16 -24.78 8.27
C SER D 7 -9.14 -24.13 9.21
N GLY D 8 -8.51 -24.97 10.04
CA GLY D 8 -7.74 -24.48 11.17
C GLY D 8 -6.36 -24.00 10.77
N PRO D 9 -5.59 -23.57 11.77
CA PRO D 9 -4.32 -22.90 11.48
C PRO D 9 -3.30 -23.90 10.94
N GLU D 10 -2.35 -23.37 10.17
CA GLU D 10 -1.39 -24.18 9.44
C GLU D 10 0.02 -23.68 9.72
N LEU D 11 0.93 -24.63 9.92
CA LEU D 11 2.36 -24.36 10.09
C LEU D 11 3.05 -25.20 9.03
N ILE D 12 3.62 -24.57 8.02
CA ILE D 12 4.10 -25.29 6.84
C ILE D 12 5.53 -24.88 6.57
N LYS D 13 6.35 -25.83 6.09
CA LYS D 13 7.74 -25.50 5.77
C LYS D 13 7.82 -24.72 4.46
N PRO D 14 8.80 -23.82 4.35
CA PRO D 14 9.04 -23.15 3.07
C PRO D 14 9.25 -24.16 1.95
N GLY D 15 8.74 -23.82 0.76
CA GLY D 15 8.89 -24.66 -0.40
C GLY D 15 7.76 -25.64 -0.59
N ALA D 16 6.98 -25.90 0.45
CA ALA D 16 5.86 -26.82 0.36
C ALA D 16 4.62 -26.06 -0.09
N SER D 17 3.51 -26.79 -0.21
CA SER D 17 2.24 -26.13 -0.53
C SER D 17 1.27 -26.46 0.59
N VAL D 18 0.11 -25.78 0.59
CA VAL D 18 -0.89 -26.01 1.63
C VAL D 18 -2.23 -25.74 0.99
N LYS D 19 -3.24 -26.51 1.39
CA LYS D 19 -4.60 -26.32 0.86
C LYS D 19 -5.55 -26.06 2.04
N MET D 20 -6.24 -24.93 2.02
CA MET D 20 -7.16 -24.57 3.09
C MET D 20 -8.59 -24.54 2.53
N SER D 21 -9.58 -24.67 3.42
CA SER D 21 -10.95 -24.85 2.98
C SER D 21 -11.90 -23.84 3.64
N CYS D 22 -13.05 -23.66 2.99
CA CYS D 22 -14.07 -22.67 3.35
C CYS D 22 -15.43 -23.34 3.12
N GLU D 23 -16.10 -23.77 4.19
CA GLU D 23 -17.35 -24.50 4.04
C GLU D 23 -18.54 -23.55 4.20
N ALA D 24 -19.42 -23.53 3.20
CA ALA D 24 -20.55 -22.61 3.17
C ALA D 24 -21.78 -23.31 3.69
N SER D 25 -22.55 -22.61 4.52
CA SER D 25 -23.83 -23.16 4.92
C SER D 25 -24.84 -22.02 5.02
N GLY D 26 -26.13 -22.38 4.97
CA GLY D 26 -27.18 -21.41 5.17
C GLY D 26 -27.67 -20.70 3.92
N TYR D 27 -27.16 -21.08 2.74
CA TYR D 27 -27.58 -20.50 1.47
C TYR D 27 -27.19 -21.47 0.36
N ILE D 28 -27.53 -21.12 -0.88
CA ILE D 28 -27.21 -21.97 -2.03
C ILE D 28 -25.79 -21.64 -2.48
N PHE D 29 -24.86 -22.58 -2.21
CA PHE D 29 -23.43 -22.34 -2.45
C PHE D 29 -23.16 -21.93 -3.89
N THR D 30 -23.84 -22.58 -4.85
CA THR D 30 -23.54 -22.22 -6.24
C THR D 30 -24.09 -20.85 -6.65
N GLU D 31 -24.81 -20.11 -5.80
CA GLU D 31 -25.33 -18.82 -6.24
C GLU D 31 -24.38 -17.63 -6.05
N TYR D 32 -23.30 -17.76 -5.25
CA TYR D 32 -22.52 -16.59 -4.86
C TYR D 32 -21.02 -16.78 -5.11
N TYR D 33 -20.38 -15.73 -5.61
CA TYR D 33 -18.91 -15.75 -5.67
C TYR D 33 -18.32 -15.96 -4.28
N ILE D 34 -17.26 -16.77 -4.23
CA ILE D 34 -16.38 -16.85 -3.04
C ILE D 34 -15.09 -16.13 -3.39
N HIS D 35 -14.72 -15.14 -2.57
CA HIS D 35 -13.49 -14.37 -2.72
C HIS D 35 -12.51 -14.86 -1.66
N TRP D 36 -11.22 -14.79 -1.98
CA TRP D 36 -10.15 -15.04 -1.00
C TRP D 36 -9.27 -13.79 -0.85
N VAL D 37 -8.92 -13.48 0.41
CA VAL D 37 -8.26 -12.24 0.78
C VAL D 37 -7.18 -12.55 1.80
N LYS D 38 -6.01 -11.92 1.61
CA LYS D 38 -4.82 -12.11 2.44
C LYS D 38 -4.69 -10.91 3.36
N GLN D 39 -4.53 -11.16 4.66
CA GLN D 39 -4.33 -10.04 5.59
C GLN D 39 -3.00 -10.24 6.29
N ILE D 40 -2.11 -9.27 6.18
CA ILE D 40 -0.85 -9.40 6.91
C ILE D 40 -0.81 -8.41 8.07
N GLN D 41 -0.15 -8.82 9.14
CA GLN D 41 0.07 -7.96 10.32
C GLN D 41 -1.23 -7.43 10.90
N GLY D 42 -2.30 -8.18 10.66
CA GLY D 42 -3.61 -7.81 11.12
C GLY D 42 -4.14 -6.53 10.52
N ARG D 43 -3.60 -6.07 9.38
CA ARG D 43 -4.20 -4.89 8.79
C ARG D 43 -4.32 -4.90 7.27
N SER D 44 -3.25 -4.68 6.50
CA SER D 44 -3.46 -4.52 5.07
C SER D 44 -4.17 -5.75 4.47
N LEU D 45 -5.08 -5.51 3.52
CA LEU D 45 -5.87 -6.59 2.90
C LEU D 45 -5.52 -6.62 1.42
N GLU D 46 -5.28 -7.82 0.89
CA GLU D 46 -4.91 -7.99 -0.50
C GLU D 46 -5.81 -9.07 -1.07
N TRP D 47 -6.53 -8.73 -2.16
CA TRP D 47 -7.46 -9.68 -2.78
C TRP D 47 -6.70 -10.63 -3.70
N ILE D 48 -6.98 -11.93 -3.59
CA ILE D 48 -6.30 -12.99 -4.33
C ILE D 48 -7.07 -13.38 -5.58
N GLY D 49 -8.39 -13.45 -5.49
CA GLY D 49 -9.18 -13.95 -6.62
C GLY D 49 -10.57 -14.31 -6.16
N TYR D 50 -11.46 -14.64 -7.11
CA TYR D 50 -12.75 -15.20 -6.69
C TYR D 50 -13.19 -16.28 -7.65
N VAL D 51 -14.01 -17.20 -7.14
CA VAL D 51 -14.51 -18.33 -7.92
C VAL D 51 -16.05 -18.31 -7.90
N HIS D 52 -16.67 -18.66 -9.05
CA HIS D 52 -18.11 -18.83 -9.07
C HIS D 52 -18.39 -20.33 -8.91
N PRO D 53 -18.95 -20.80 -7.79
CA PRO D 53 -19.08 -22.27 -7.63
C PRO D 53 -20.07 -22.87 -8.62
N LYS D 54 -20.97 -22.07 -9.18
CA LYS D 54 -21.86 -22.60 -10.26
C LYS D 54 -21.03 -23.29 -11.34
N THR D 55 -19.95 -22.65 -11.79
CA THR D 55 -19.18 -23.14 -12.93
C THR D 55 -17.78 -23.56 -12.58
N GLY D 56 -17.28 -23.15 -11.40
CA GLY D 56 -15.88 -23.32 -11.11
C GLY D 56 -14.97 -22.32 -11.80
N ASP D 57 -15.54 -21.35 -12.50
CA ASP D 57 -14.75 -20.31 -13.16
C ASP D 57 -14.06 -19.42 -12.11
N VAL D 58 -12.78 -19.16 -12.30
CA VAL D 58 -12.00 -18.37 -11.34
C VAL D 58 -11.47 -17.14 -12.06
N ILE D 59 -11.45 -16.01 -11.37
CA ILE D 59 -10.72 -14.86 -11.86
C ILE D 59 -9.71 -14.50 -10.78
N TYR D 60 -8.43 -14.46 -11.16
CA TYR D 60 -7.36 -14.16 -10.22
C TYR D 60 -6.90 -12.70 -10.33
N ASN D 61 -6.45 -12.19 -9.20
CA ASN D 61 -5.46 -11.10 -9.19
C ASN D 61 -4.22 -11.68 -9.86
N GLN D 62 -3.84 -11.11 -11.04
CA GLN D 62 -2.76 -11.72 -11.80
C GLN D 62 -1.44 -11.70 -11.04
N ASN D 63 -1.29 -10.84 -10.06
CA ASN D 63 -0.09 -10.91 -9.26
C ASN D 63 0.04 -12.27 -8.58
N PHE D 64 -1.09 -12.96 -8.33
CA PHE D 64 -1.11 -14.25 -7.66
C PHE D 64 -1.15 -15.43 -8.61
N ARG D 65 -1.03 -15.20 -9.93
N ARG D 65 -1.06 -15.20 -9.92
CA ARG D 65 -1.05 -16.31 -10.88
CA ARG D 65 -1.07 -16.31 -10.85
C ARG D 65 0.10 -17.28 -10.57
C ARG D 65 0.08 -17.27 -10.51
N GLY D 66 -0.24 -18.56 -10.44
CA GLY D 66 0.74 -19.56 -10.06
C GLY D 66 1.00 -19.67 -8.56
N LYS D 67 0.69 -18.65 -7.78
CA LYS D 67 0.87 -18.79 -6.33
C LYS D 67 -0.38 -19.39 -5.67
N ALA D 68 -1.58 -19.02 -6.13
CA ALA D 68 -2.85 -19.50 -5.57
C ALA D 68 -3.66 -20.24 -6.63
N THR D 69 -4.35 -21.30 -6.20
CA THR D 69 -5.30 -22.06 -7.04
C THR D 69 -6.61 -22.18 -6.30
N LEU D 70 -7.70 -21.71 -6.90
CA LEU D 70 -9.02 -21.77 -6.28
C LEU D 70 -9.83 -22.87 -6.95
N THR D 71 -10.50 -23.68 -6.12
CA THR D 71 -11.34 -24.78 -6.56
C THR D 71 -12.58 -24.83 -5.67
N VAL D 72 -13.58 -25.62 -6.10
CA VAL D 72 -14.75 -25.87 -5.27
C VAL D 72 -15.08 -27.35 -5.32
N ASN D 73 -15.80 -27.81 -4.30
CA ASN D 73 -16.47 -29.10 -4.30
C ASN D 73 -17.95 -28.76 -4.06
N ARG D 74 -18.77 -28.75 -5.14
CA ARG D 74 -20.19 -28.45 -4.93
C ARG D 74 -20.87 -29.45 -4.05
N SER D 75 -20.46 -30.72 -4.10
CA SER D 75 -21.11 -31.73 -3.30
C SER D 75 -20.95 -31.52 -1.80
N SER D 76 -19.85 -30.89 -1.36
CA SER D 76 -19.68 -30.61 0.07
C SER D 76 -19.84 -29.13 0.41
N ASN D 77 -20.28 -28.31 -0.55
CA ASN D 77 -20.49 -26.88 -0.34
C ASN D 77 -19.20 -26.18 0.10
N THR D 78 -18.04 -26.60 -0.47
CA THR D 78 -16.76 -26.18 0.09
C THR D 78 -15.89 -25.53 -0.98
N ALA D 79 -15.33 -24.38 -0.66
CA ALA D 79 -14.36 -23.72 -1.51
C ALA D 79 -12.97 -23.98 -0.92
N TYR D 80 -11.97 -24.11 -1.81
CA TYR D 80 -10.59 -24.41 -1.43
C TYR D 80 -9.64 -23.40 -2.05
N MET D 81 -8.58 -23.07 -1.30
CA MET D 81 -7.47 -22.34 -1.89
C MET D 81 -6.20 -23.10 -1.58
N GLU D 82 -5.42 -23.43 -2.62
CA GLU D 82 -4.11 -24.01 -2.46
C GLU D 82 -3.06 -22.93 -2.75
N LEU D 83 -2.11 -22.77 -1.84
CA LEU D 83 -0.97 -21.88 -2.03
C LEU D 83 0.27 -22.71 -2.31
N HIS D 84 1.01 -22.35 -3.36
CA HIS D 84 2.15 -23.14 -3.83
C HIS D 84 3.47 -22.47 -3.49
N SER D 85 4.52 -23.28 -3.43
CA SER D 85 5.91 -22.81 -3.27
C SER D 85 6.03 -21.76 -2.16
N LEU D 86 5.67 -22.18 -0.95
CA LEU D 86 5.48 -21.23 0.14
C LEU D 86 6.78 -20.57 0.57
N THR D 87 6.71 -19.29 0.91
CA THR D 87 7.81 -18.57 1.56
C THR D 87 7.31 -17.87 2.80
N SER D 88 8.23 -17.30 3.60
CA SER D 88 7.76 -16.62 4.79
C SER D 88 6.85 -15.43 4.46
N GLU D 89 6.91 -14.89 3.24
CA GLU D 89 6.01 -13.79 2.89
C GLU D 89 4.57 -14.26 2.73
N ASP D 90 4.35 -15.57 2.59
CA ASP D 90 3.00 -16.09 2.56
C ASP D 90 2.40 -16.24 3.95
N SER D 91 3.18 -16.07 5.02
CA SER D 91 2.57 -16.04 6.35
C SER D 91 1.58 -14.88 6.46
N ALA D 92 0.36 -15.19 6.89
CA ALA D 92 -0.72 -14.19 6.89
C ALA D 92 -1.96 -14.85 7.45
N VAL D 93 -3.04 -14.11 7.60
CA VAL D 93 -4.36 -14.70 7.77
C VAL D 93 -5.08 -14.66 6.43
N TYR D 94 -5.69 -15.75 6.04
CA TYR D 94 -6.43 -15.82 4.79
C TYR D 94 -7.90 -15.94 5.09
N TYR D 95 -8.70 -15.09 4.44
CA TYR D 95 -10.14 -15.10 4.59
C TYR D 95 -10.78 -15.56 3.30
N CYS D 96 -11.87 -16.31 3.44
CA CYS D 96 -12.83 -16.44 2.34
C CYS D 96 -14.05 -15.56 2.62
N ALA D 97 -14.71 -15.08 1.55
CA ALA D 97 -15.83 -14.17 1.75
C ALA D 97 -16.85 -14.30 0.61
N ARG D 98 -18.13 -14.19 0.94
CA ARG D 98 -19.06 -13.84 -0.13
C ARG D 98 -19.29 -12.32 -0.05
N TRP D 99 -20.24 -11.78 -0.83
CA TRP D 99 -20.31 -10.31 -0.93
C TRP D 99 -20.59 -9.62 0.41
N ASP D 100 -21.27 -10.30 1.33
CA ASP D 100 -21.75 -9.72 2.57
C ASP D 100 -21.30 -10.48 3.82
N SER D 101 -20.42 -11.45 3.70
CA SER D 101 -20.15 -12.30 4.85
C SER D 101 -18.77 -12.95 4.74
N TRP D 102 -17.97 -12.87 5.81
CA TRP D 102 -16.62 -13.42 5.73
C TRP D 102 -16.45 -14.62 6.65
N GLY D 103 -15.53 -15.51 6.28
CA GLY D 103 -15.09 -16.60 7.14
C GLY D 103 -14.35 -16.02 8.35
N GLN D 104 -14.06 -16.90 9.31
CA GLN D 104 -13.33 -16.49 10.52
C GLN D 104 -11.81 -16.38 10.29
N GLY D 105 -11.32 -16.77 9.12
CA GLY D 105 -9.92 -16.67 8.78
C GLY D 105 -9.15 -17.95 9.13
N THR D 106 -8.09 -18.19 8.36
CA THR D 106 -7.16 -19.30 8.58
C THR D 106 -5.77 -18.70 8.74
N THR D 107 -5.11 -18.96 9.88
CA THR D 107 -3.74 -18.50 10.05
C THR D 107 -2.72 -19.44 9.42
N LEU D 108 -1.87 -18.90 8.55
CA LEU D 108 -0.76 -19.63 7.97
C LEU D 108 0.58 -19.07 8.45
N THR D 109 1.41 -19.93 9.02
CA THR D 109 2.79 -19.62 9.37
C THR D 109 3.70 -20.46 8.50
N VAL D 110 4.61 -19.83 7.76
CA VAL D 110 5.58 -20.54 6.93
C VAL D 110 6.95 -20.35 7.59
N SER D 111 7.56 -21.47 7.99
CA SER D 111 8.79 -21.42 8.79
C SER D 111 9.46 -22.77 8.77
N SER D 112 10.78 -22.76 8.68
CA SER D 112 11.60 -23.97 8.85
C SER D 112 12.00 -24.20 10.31
N ALA D 113 11.54 -23.36 11.24
CA ALA D 113 11.99 -23.49 12.64
C ALA D 113 11.45 -24.76 13.27
N LYS D 114 12.22 -25.32 14.20
CA LYS D 114 11.83 -26.47 14.98
C LYS D 114 11.21 -26.03 16.30
N THR D 115 10.36 -26.86 16.87
CA THR D 115 9.83 -26.58 18.20
C THR D 115 10.95 -26.37 19.21
N THR D 116 10.93 -25.20 19.85
CA THR D 116 11.96 -24.78 20.82
C THR D 116 11.33 -24.15 22.05
N PRO D 117 11.68 -24.58 23.27
CA PRO D 117 11.12 -23.95 24.47
C PRO D 117 11.77 -22.61 24.73
N PRO D 118 11.08 -21.69 25.42
CA PRO D 118 11.68 -20.38 25.67
C PRO D 118 12.71 -20.40 26.78
N SER D 119 13.62 -19.45 26.72
CA SER D 119 14.43 -19.10 27.87
C SER D 119 13.69 -18.01 28.62
N VAL D 120 13.63 -18.11 29.96
CA VAL D 120 12.80 -17.20 30.73
C VAL D 120 13.71 -16.45 31.68
N TYR D 121 13.84 -15.14 31.47
CA TYR D 121 14.78 -14.35 32.25
C TYR D 121 14.00 -13.39 33.11
N PRO D 122 14.28 -13.31 34.40
CA PRO D 122 13.53 -12.39 35.25
C PRO D 122 14.06 -10.97 35.08
N LEU D 123 13.15 -10.00 35.16
CA LEU D 123 13.50 -8.59 35.05
C LEU D 123 13.19 -7.95 36.41
N ALA D 124 14.23 -7.69 37.19
CA ALA D 124 14.03 -7.06 38.49
C ALA D 124 14.84 -5.78 38.57
N PRO D 125 14.31 -4.72 39.19
CA PRO D 125 15.01 -3.44 39.18
C PRO D 125 16.37 -3.58 39.85
N GLY D 126 17.28 -2.74 39.43
CA GLY D 126 18.46 -2.51 40.23
C GLY D 126 18.21 -1.41 41.25
N CYS D 127 19.08 -1.38 42.25
CA CYS D 127 19.21 -0.22 43.13
C CYS D 127 17.88 0.16 43.79
N GLY D 128 17.03 -0.82 44.06
CA GLY D 128 15.76 -0.56 44.75
C GLY D 128 14.82 0.37 44.01
N ASP D 129 15.04 0.55 42.70
CA ASP D 129 14.25 1.39 41.81
C ASP D 129 12.74 1.23 42.05
N THR D 130 12.05 2.35 42.34
CA THR D 130 10.58 2.43 42.29
C THR D 130 10.15 3.65 41.47
N THR D 131 8.87 3.67 41.11
CA THR D 131 8.22 4.87 40.62
C THR D 131 7.09 5.17 41.59
N GLY D 132 7.22 6.29 42.30
CA GLY D 132 6.21 6.63 43.28
C GLY D 132 6.18 5.57 44.34
N SER D 133 5.02 4.96 44.53
CA SER D 133 4.85 3.91 45.52
C SER D 133 4.64 2.56 44.87
N SER D 134 5.07 2.40 43.62
N SER D 134 5.09 2.40 43.64
CA SER D 134 4.91 1.15 42.87
CA SER D 134 4.98 1.12 42.96
C SER D 134 6.24 0.68 42.31
C SER D 134 6.36 0.62 42.54
N VAL D 135 6.38 -0.64 42.15
CA VAL D 135 7.55 -1.26 41.52
C VAL D 135 7.06 -2.08 40.34
N THR D 136 7.81 -2.05 39.24
CA THR D 136 7.44 -2.84 38.06
C THR D 136 8.47 -3.95 37.87
N LEU D 137 7.97 -5.16 37.66
CA LEU D 137 8.77 -6.36 37.46
C LEU D 137 8.42 -6.93 36.09
N GLY D 138 9.26 -7.84 35.58
CA GLY D 138 8.96 -8.41 34.27
C GLY D 138 9.61 -9.75 34.07
N CYS D 139 9.20 -10.42 32.97
CA CYS D 139 9.88 -11.61 32.49
C CYS D 139 10.11 -11.48 30.99
N LEU D 140 11.33 -11.80 30.55
CA LEU D 140 11.67 -11.79 29.13
C LEU D 140 11.64 -13.23 28.69
N VAL D 141 10.86 -13.52 27.64
CA VAL D 141 10.58 -14.88 27.24
C VAL D 141 11.17 -15.00 25.83
N LYS D 142 12.33 -15.63 25.72
CA LYS D 142 13.18 -15.44 24.56
C LYS D 142 13.47 -16.75 23.80
N GLY D 143 13.35 -16.70 22.49
CA GLY D 143 13.82 -17.79 21.66
C GLY D 143 12.95 -19.03 21.61
N TYR D 144 11.63 -18.87 21.53
CA TYR D 144 10.77 -20.05 21.46
C TYR D 144 10.12 -20.19 20.09
N PHE D 145 9.59 -21.38 19.85
CA PHE D 145 8.84 -21.65 18.62
C PHE D 145 7.99 -22.90 18.83
N PRO D 146 6.75 -22.90 18.33
CA PRO D 146 6.03 -21.80 17.68
C PRO D 146 5.36 -20.88 18.70
N GLU D 147 4.58 -19.93 18.20
CA GLU D 147 3.63 -19.22 19.08
C GLU D 147 2.65 -20.30 19.55
N SER D 148 2.06 -20.20 20.74
CA SER D 148 2.15 -19.07 21.63
C SER D 148 2.68 -19.51 22.99
N VAL D 149 2.97 -18.54 23.84
CA VAL D 149 3.23 -18.79 25.24
C VAL D 149 2.16 -18.09 26.05
N THR D 150 2.04 -18.51 27.32
CA THR D 150 1.21 -17.84 28.29
C THR D 150 2.06 -17.50 29.51
N VAL D 151 2.02 -16.22 29.92
CA VAL D 151 2.74 -15.76 31.11
C VAL D 151 1.72 -15.44 32.20
N THR D 152 1.87 -16.10 33.34
CA THR D 152 0.98 -15.96 34.49
C THR D 152 1.77 -15.46 35.70
N TRP D 153 1.29 -14.39 36.34
CA TRP D 153 1.96 -13.83 37.50
C TRP D 153 1.25 -14.23 38.78
N ASN D 154 2.01 -14.78 39.73
CA ASN D 154 1.51 -15.27 41.03
C ASN D 154 0.29 -16.17 40.90
N SER D 155 0.33 -17.08 39.92
CA SER D 155 -0.74 -18.00 39.59
C SER D 155 -1.97 -17.31 39.00
N GLY D 156 -1.87 -16.03 38.64
CA GLY D 156 -2.96 -15.28 38.05
C GLY D 156 -3.59 -14.27 39.00
N SER D 157 -3.32 -14.40 40.31
CA SER D 157 -3.83 -13.47 41.32
C SER D 157 -3.43 -12.03 41.05
N LEU D 158 -2.52 -11.79 40.11
CA LEU D 158 -2.25 -10.47 39.56
C LEU D 158 -2.58 -10.53 38.07
N SER D 159 -3.47 -9.65 37.62
CA SER D 159 -3.72 -9.52 36.18
C SER D 159 -4.11 -8.08 35.81
N SER D 160 -4.79 -7.38 36.73
CA SER D 160 -5.16 -6.00 36.48
C SER D 160 -3.97 -5.16 36.04
N SER D 161 -2.79 -5.42 36.63
CA SER D 161 -1.61 -4.59 36.52
C SER D 161 -0.55 -5.18 35.60
N VAL D 162 -0.94 -6.07 34.71
CA VAL D 162 -0.02 -6.80 33.85
C VAL D 162 -0.11 -6.19 32.45
N HIS D 163 1.01 -6.13 31.75
CA HIS D 163 1.03 -5.85 30.31
C HIS D 163 1.69 -7.03 29.61
N THR D 164 1.01 -7.56 28.59
CA THR D 164 1.53 -8.64 27.76
C THR D 164 2.00 -8.05 26.46
N PHE D 165 3.31 -8.17 26.17
CA PHE D 165 3.75 -7.51 24.95
C PHE D 165 3.79 -8.51 23.79
N PRO D 166 3.20 -8.16 22.65
CA PRO D 166 3.14 -9.13 21.53
C PRO D 166 4.51 -9.64 21.16
N ALA D 167 4.58 -10.94 20.78
CA ALA D 167 5.81 -11.55 20.32
C ALA D 167 6.33 -10.89 19.04
N LEU D 168 7.64 -10.80 18.93
CA LEU D 168 8.25 -10.49 17.64
C LEU D 168 9.16 -11.63 17.23
N LEU D 169 9.50 -11.68 15.94
CA LEU D 169 10.46 -12.65 15.42
C LEU D 169 11.87 -12.14 15.61
N GLN D 170 12.72 -12.98 16.19
CA GLN D 170 14.11 -12.64 16.50
C GLN D 170 14.89 -13.87 16.03
N SER D 171 15.44 -13.80 14.81
CA SER D 171 16.22 -14.87 14.14
C SER D 171 15.44 -16.16 13.97
N GLY D 172 14.27 -16.06 13.38
CA GLY D 172 13.45 -17.22 13.17
C GLY D 172 12.80 -17.77 14.42
N LEU D 173 13.02 -17.14 15.57
CA LEU D 173 12.38 -17.54 16.81
C LEU D 173 11.62 -16.35 17.39
N TYR D 174 10.66 -16.62 18.25
CA TYR D 174 9.89 -15.54 18.88
C TYR D 174 10.48 -15.08 20.21
N THR D 175 10.25 -13.80 20.52
CA THR D 175 10.58 -13.25 21.84
C THR D 175 9.42 -12.37 22.25
N MET D 176 8.97 -12.49 23.50
CA MET D 176 7.94 -11.60 24.01
C MET D 176 8.36 -11.16 25.41
N SER D 177 7.63 -10.21 25.97
CA SER D 177 7.90 -9.89 27.38
C SER D 177 6.57 -9.60 28.07
N SER D 178 6.63 -9.54 29.41
CA SER D 178 5.45 -9.29 30.21
C SER D 178 5.90 -8.48 31.42
N SER D 179 5.14 -7.45 31.78
CA SER D 179 5.42 -6.67 32.96
C SER D 179 4.27 -6.79 33.96
N VAL D 180 4.61 -6.63 35.25
CA VAL D 180 3.61 -6.53 36.30
C VAL D 180 4.01 -5.40 37.23
N THR D 181 3.04 -4.66 37.74
CA THR D 181 3.30 -3.52 38.61
C THR D 181 2.54 -3.75 39.91
N VAL D 182 3.24 -3.70 41.03
CA VAL D 182 2.67 -3.94 42.36
C VAL D 182 3.08 -2.81 43.30
N PRO D 183 2.39 -2.68 44.44
CA PRO D 183 2.83 -1.70 45.46
C PRO D 183 4.23 -2.01 45.96
N SER D 184 5.01 -0.96 46.16
CA SER D 184 6.40 -1.18 46.57
C SER D 184 6.48 -1.80 47.95
N SER D 185 5.40 -1.69 48.75
CA SER D 185 5.37 -2.34 50.06
C SER D 185 5.22 -3.85 49.96
N THR D 186 4.95 -4.39 48.78
CA THR D 186 4.64 -5.80 48.69
C THR D 186 5.71 -6.63 47.98
N TRP D 187 6.72 -5.99 47.39
CA TRP D 187 7.85 -6.69 46.78
C TRP D 187 9.03 -5.81 47.04
N PRO D 188 10.14 -6.41 47.50
CA PRO D 188 10.46 -7.84 47.67
C PRO D 188 9.90 -8.58 48.91
N SER D 189 9.18 -7.89 49.80
CA SER D 189 8.74 -8.53 51.03
C SER D 189 7.90 -9.77 50.77
N GLN D 190 7.13 -9.76 49.69
CA GLN D 190 6.30 -10.90 49.33
C GLN D 190 6.72 -11.40 47.95
N THR D 191 6.54 -12.71 47.74
CA THR D 191 7.07 -13.35 46.54
C THR D 191 6.25 -12.97 45.31
N VAL D 192 6.96 -12.64 44.22
CA VAL D 192 6.37 -12.48 42.90
C VAL D 192 7.07 -13.45 41.96
N THR D 193 6.30 -14.26 41.25
N THR D 193 6.29 -14.27 41.26
CA THR D 193 6.90 -15.18 40.29
CA THR D 193 6.82 -15.22 40.29
C THR D 193 6.09 -15.18 39.01
C THR D 193 6.05 -15.12 38.99
N CYS D 194 6.77 -15.26 37.88
CA CYS D 194 6.14 -15.42 36.58
C CYS D 194 6.23 -16.90 36.21
N SER D 195 5.16 -17.44 35.68
CA SER D 195 5.16 -18.82 35.21
C SER D 195 4.81 -18.82 33.72
N VAL D 196 5.71 -19.38 32.91
CA VAL D 196 5.61 -19.26 31.46
C VAL D 196 5.29 -20.63 30.91
N ALA D 197 4.12 -20.78 30.29
CA ALA D 197 3.72 -22.06 29.72
C ALA D 197 3.90 -22.01 28.21
N HIS D 198 4.57 -23.03 27.65
CA HIS D 198 4.72 -23.17 26.20
C HIS D 198 4.16 -24.54 25.80
N PRO D 199 2.87 -24.63 25.45
CA PRO D 199 2.28 -25.96 25.17
C PRO D 199 2.97 -26.74 24.07
N ALA D 200 3.39 -26.10 22.98
CA ALA D 200 3.98 -26.86 21.87
C ALA D 200 5.25 -27.62 22.26
N SER D 201 5.96 -27.21 23.31
CA SER D 201 7.10 -27.95 23.82
C SER D 201 6.81 -28.59 25.17
N SER D 202 5.55 -28.61 25.63
CA SER D 202 5.22 -29.23 26.92
C SER D 202 6.11 -28.73 28.04
N THR D 203 6.40 -27.43 28.05
CA THR D 203 7.25 -26.88 29.10
C THR D 203 6.53 -25.75 29.84
N THR D 204 6.65 -25.76 31.16
CA THR D 204 6.28 -24.63 32.00
C THR D 204 7.43 -24.28 32.91
N VAL D 205 7.75 -22.99 32.98
CA VAL D 205 8.89 -22.51 33.73
C VAL D 205 8.42 -21.42 34.68
N ASP D 206 8.72 -21.58 35.97
CA ASP D 206 8.42 -20.59 36.99
C ASP D 206 9.72 -19.88 37.37
N LYS D 207 9.69 -18.55 37.32
CA LYS D 207 10.84 -17.75 37.74
C LYS D 207 10.42 -16.83 38.87
N LYS D 208 11.08 -16.97 40.02
CA LYS D 208 10.86 -16.04 41.10
C LYS D 208 11.66 -14.77 40.85
N LEU D 209 11.03 -13.61 41.11
CA LEU D 209 11.68 -12.33 40.91
C LEU D 209 12.42 -11.95 42.20
N GLU D 210 13.75 -11.79 42.10
CA GLU D 210 14.64 -11.50 43.21
C GLU D 210 15.33 -10.16 43.01
N PRO D 211 15.55 -9.37 44.08
CA PRO D 211 16.21 -8.07 43.96
C PRO D 211 17.72 -8.17 43.88
#